data_3BNU
#
_entry.id   3BNU
#
_cell.length_a   162.195
_cell.length_b   103.003
_cell.length_c   77.518
_cell.angle_alpha   90.000
_cell.angle_beta   95.000
_cell.angle_gamma   90.000
#
_symmetry.space_group_name_H-M   'C 1 2 1'
#
loop_
_entity.id
_entity.type
_entity.pdbx_description
1 polymer 'Polyamine oxidase FMS1'
2 non-polymer 'FLAVIN-ADENINE DINUCLEOTIDE'
3 non-polymer "(3S,3'S)-N~1~,N~1~'-butane-1,4-diyldibutane-1,3-diamine"
4 water water
#
_entity_poly.entity_id   1
_entity_poly.type   'polypeptide(L)'
_entity_poly.pdbx_seq_one_letter_code
;MNTVSPAKKKVIIIGAGIAGLKAASTLHQNGIQDCLVLEARDRVGGRLQTVTGYQGRKYDIGASWHHDTLTNPLFLEEAQ
LSLNDGRTRFVFDDDNFIYIDEERGRVDHDKELLLEIVDNEMSKFAELEFHQHLGVSDCSFFQLVMKYLLQRRQFLTNDQ
IRYLPQLCRYLELWHGLDWKLLSAKDTYFGHQGRNAFALNYDSVVQRIAQSFPQNWLKLSCEVKSITREPSKNVTVNCED
GTVYNADYVIITVPQSVLNLSVQPEKNLRGRIEFQPPLKPVIQDAFDKIHFGALGKVIFEFEECCWSNESSKIVTLANST
NEFVEIVRNAENLDELDSMLEREDSQKHTSVTCWSQPLFFVNLSKSTGVASFMMLMQAPLTNHIESIREDKERLFSFFQP
VLNKIMKCLDSEDVIDGMRPIENIANANKPVLRNIIVSNWTRDPYSRGAYSACFPGDDPVDMVVAMSNGQDSRIRFAGEH
TIMDGAGCAYGAWESGRREATRISDLLKLEHHHHHH
;
_entity_poly.pdbx_strand_id   B,A
#
loop_
_chem_comp.id
_chem_comp.type
_chem_comp.name
_chem_comp.formula
FAD non-polymer 'FLAVIN-ADENINE DINUCLEOTIDE' 'C27 H33 N9 O15 P2'
SPZ non-polymer (3S,3'S)-N~1~,N~1~'-butane-1,4-diyldibutane-1,3-diamine 'C12 H30 N4'
#
# COMPACT_ATOMS: atom_id res chain seq x y z
N LYS A 8 22.56 25.48 39.79
CA LYS A 8 23.85 24.79 40.03
C LYS A 8 24.17 23.86 38.87
N LYS A 9 23.14 23.37 38.19
CA LYS A 9 23.32 22.47 37.05
C LYS A 9 22.92 23.15 35.74
N LYS A 10 23.59 22.77 34.65
CA LYS A 10 23.30 23.33 33.34
C LYS A 10 21.92 22.86 32.90
N VAL A 11 21.75 21.53 32.87
CA VAL A 11 20.49 20.93 32.46
C VAL A 11 20.03 19.84 33.42
N ILE A 12 18.75 19.84 33.77
CA ILE A 12 18.19 18.79 34.62
C ILE A 12 17.17 18.06 33.75
N ILE A 13 17.42 16.79 33.50
CA ILE A 13 16.53 15.98 32.69
C ILE A 13 15.65 15.15 33.59
N ILE A 14 14.34 15.21 33.34
CA ILE A 14 13.39 14.46 34.13
C ILE A 14 12.93 13.24 33.33
N GLY A 15 13.25 12.06 33.85
CA GLY A 15 12.88 10.82 33.18
C GLY A 15 14.11 10.21 32.52
N ALA A 16 14.32 8.91 32.75
CA ALA A 16 15.47 8.24 32.16
C ALA A 16 15.06 7.20 31.14
N GLY A 17 14.01 7.52 30.38
CA GLY A 17 13.56 6.63 29.31
C GLY A 17 14.50 6.89 28.14
N ILE A 18 14.17 6.41 26.93
CA ILE A 18 15.06 6.63 25.80
C ILE A 18 15.16 8.12 25.46
N ALA A 19 14.10 8.86 25.74
CA ALA A 19 14.06 10.29 25.48
C ALA A 19 15.05 11.00 26.39
N GLY A 20 14.89 10.83 27.70
CA GLY A 20 15.78 11.47 28.64
C GLY A 20 17.23 11.03 28.51
N LEU A 21 17.46 9.74 28.33
CA LEU A 21 18.82 9.23 28.21
C LEU A 21 19.57 9.75 26.97
N LYS A 22 18.90 9.85 25.83
CA LYS A 22 19.59 10.31 24.62
C LYS A 22 19.97 11.78 24.79
N ALA A 23 19.08 12.56 25.41
CA ALA A 23 19.36 13.98 25.65
C ALA A 23 20.65 14.08 26.46
N ALA A 24 20.67 13.39 27.60
CA ALA A 24 21.86 13.39 28.45
C ALA A 24 23.07 12.95 27.62
N SER A 25 22.91 11.88 26.86
CA SER A 25 24.00 11.40 26.02
C SER A 25 24.45 12.50 25.07
N THR A 26 23.49 13.19 24.48
CA THR A 26 23.79 14.27 23.55
C THR A 26 24.52 15.43 24.22
N LEU A 27 24.04 15.87 25.38
CA LEU A 27 24.68 16.98 26.10
C LEU A 27 26.14 16.66 26.39
N HIS A 28 26.38 15.52 27.00
CA HIS A 28 27.76 15.13 27.30
C HIS A 28 28.54 15.16 25.99
N GLN A 29 27.98 14.55 24.95
CA GLN A 29 28.62 14.51 23.64
C GLN A 29 28.98 15.90 23.14
N ASN A 30 28.24 16.91 23.58
CA ASN A 30 28.52 18.28 23.14
C ASN A 30 29.28 19.12 24.17
N GLY A 31 30.05 18.46 25.04
CA GLY A 31 30.84 19.17 26.03
C GLY A 31 30.14 19.87 27.19
N ILE A 32 28.83 19.71 27.30
CA ILE A 32 28.10 20.33 28.39
C ILE A 32 28.27 19.48 29.64
N GLN A 33 28.40 20.14 30.79
CA GLN A 33 28.59 19.42 32.04
C GLN A 33 27.60 19.90 33.11
N ASP A 34 27.72 19.31 34.29
CA ASP A 34 26.87 19.66 35.42
C ASP A 34 25.40 19.43 35.08
N CYS A 35 25.10 18.25 34.56
CA CYS A 35 23.73 17.90 34.20
C CYS A 35 23.22 16.72 35.04
N LEU A 36 21.90 16.66 35.23
CA LEU A 36 21.28 15.60 36.01
C LEU A 36 20.16 14.89 35.27
N VAL A 37 19.85 13.67 35.72
CA VAL A 37 18.79 12.87 35.14
C VAL A 37 18.03 12.30 36.34
N LEU A 38 16.89 12.91 36.64
CA LEU A 38 16.05 12.48 37.76
C LEU A 38 15.00 11.48 37.30
N GLU A 39 15.12 10.24 37.75
CA GLU A 39 14.18 9.18 37.38
C GLU A 39 13.41 8.62 38.56
N ALA A 40 12.09 8.61 38.46
CA ALA A 40 11.23 8.10 39.53
C ALA A 40 11.51 6.64 39.89
N ARG A 41 11.65 5.79 38.87
CA ARG A 41 11.90 4.36 39.09
C ARG A 41 13.27 4.08 39.65
N ASP A 42 13.52 2.80 39.94
CA ASP A 42 14.81 2.35 40.46
C ASP A 42 15.63 1.79 39.31
N ARG A 43 15.27 2.17 38.09
CA ARG A 43 15.97 1.69 36.91
C ARG A 43 15.79 2.72 35.80
N VAL A 44 16.58 2.60 34.74
CA VAL A 44 16.44 3.50 33.60
C VAL A 44 15.67 2.68 32.57
N GLY A 45 15.45 3.23 31.38
CA GLY A 45 14.75 2.48 30.35
C GLY A 45 13.32 2.92 30.10
N GLY A 46 12.60 3.29 31.15
CA GLY A 46 11.23 3.71 30.97
C GLY A 46 10.38 2.62 30.34
N ARG A 47 9.66 2.95 29.28
CA ARG A 47 8.83 1.97 28.61
C ARG A 47 9.65 0.98 27.79
N LEU A 48 10.95 0.98 28.03
CA LEU A 48 11.82 0.01 27.37
C LEU A 48 12.34 -0.83 28.54
N GLN A 49 11.85 -2.06 28.64
CA GLN A 49 12.29 -2.93 29.73
C GLN A 49 12.37 -4.36 29.25
N THR A 50 13.52 -4.98 29.50
CA THR A 50 13.74 -6.37 29.10
C THR A 50 13.74 -7.24 30.36
N VAL A 51 12.76 -8.13 30.45
CA VAL A 51 12.65 -9.01 31.62
C VAL A 51 13.19 -10.40 31.32
N THR A 52 13.44 -11.16 32.38
CA THR A 52 13.97 -12.52 32.26
C THR A 52 13.00 -13.57 32.80
N GLY A 53 12.85 -14.68 32.07
CA GLY A 53 11.93 -15.72 32.50
C GLY A 53 12.57 -17.10 32.50
N TYR A 54 11.79 -18.11 32.12
CA TYR A 54 12.26 -19.49 32.07
C TYR A 54 13.65 -19.67 31.46
N GLN A 55 14.48 -20.47 32.13
CA GLN A 55 15.84 -20.78 31.71
C GLN A 55 16.65 -19.55 31.37
N GLY A 56 16.25 -18.42 31.92
CA GLY A 56 16.98 -17.19 31.67
C GLY A 56 16.69 -16.52 30.34
N ARG A 57 15.64 -16.95 29.64
CA ARG A 57 15.31 -16.33 28.36
C ARG A 57 15.00 -14.86 28.62
N LYS A 58 15.23 -14.01 27.63
CA LYS A 58 14.96 -12.59 27.77
C LYS A 58 13.85 -12.11 26.80
N TYR A 59 13.13 -11.06 27.19
CA TYR A 59 12.04 -10.54 26.37
C TYR A 59 11.81 -9.04 26.61
N ASP A 60 11.46 -8.33 25.55
CA ASP A 60 11.17 -6.91 25.68
C ASP A 60 9.68 -6.72 26.00
N ILE A 61 9.34 -6.68 27.29
CA ILE A 61 7.96 -6.53 27.69
C ILE A 61 7.43 -5.15 27.30
N GLY A 62 8.34 -4.26 26.91
CA GLY A 62 7.97 -2.94 26.47
C GLY A 62 8.16 -2.95 24.96
N ALA A 63 8.86 -1.96 24.43
CA ALA A 63 9.11 -1.89 22.99
C ALA A 63 9.98 -3.08 22.53
N SER A 64 9.65 -3.62 21.36
CA SER A 64 10.40 -4.74 20.80
C SER A 64 10.97 -4.52 19.40
N TRP A 65 10.22 -3.83 18.55
CA TRP A 65 10.64 -3.61 17.17
C TRP A 65 11.15 -2.23 16.80
N HIS A 66 12.03 -2.22 15.81
CA HIS A 66 12.56 -1.00 15.21
C HIS A 66 11.57 -0.81 14.05
N HIS A 67 10.79 0.26 14.07
CA HIS A 67 9.85 0.51 12.98
C HIS A 67 10.45 1.44 11.93
N ASP A 68 9.83 1.48 10.75
CA ASP A 68 10.28 2.34 9.67
C ASP A 68 11.79 2.25 9.44
N THR A 69 12.31 1.03 9.26
CA THR A 69 13.75 0.85 9.09
C THR A 69 14.39 1.61 7.92
N LEU A 70 13.57 2.18 7.04
CA LEU A 70 14.11 2.94 5.92
C LEU A 70 14.57 4.32 6.35
N THR A 71 13.87 4.90 7.31
CA THR A 71 14.20 6.23 7.78
C THR A 71 14.53 6.33 9.28
N ASN A 72 14.17 5.30 10.04
CA ASN A 72 14.42 5.24 11.48
C ASN A 72 15.92 5.47 11.77
N PRO A 73 16.28 6.65 12.28
CA PRO A 73 17.66 7.02 12.62
C PRO A 73 18.33 6.18 13.71
N LEU A 74 17.55 5.75 14.70
CA LEU A 74 18.11 4.93 15.76
C LEU A 74 18.50 3.57 15.18
N PHE A 75 17.61 3.02 14.35
CA PHE A 75 17.88 1.73 13.72
C PHE A 75 19.14 1.81 12.89
N LEU A 76 19.23 2.87 12.09
CA LEU A 76 20.38 3.07 11.23
C LEU A 76 21.66 3.13 12.05
N GLU A 77 21.57 3.75 13.24
CA GLU A 77 22.71 3.84 14.11
C GLU A 77 23.12 2.43 14.56
N GLU A 78 22.12 1.63 14.94
CA GLU A 78 22.36 0.25 15.38
C GLU A 78 22.93 -0.57 14.22
N ALA A 79 22.51 -0.23 13.01
CA ALA A 79 22.95 -0.94 11.81
C ALA A 79 24.43 -0.70 11.57
N GLN A 80 24.86 0.56 11.71
CA GLN A 80 26.26 0.91 11.53
C GLN A 80 27.11 0.09 12.49
N LEU A 81 26.76 0.16 13.77
CA LEU A 81 27.49 -0.58 14.78
C LEU A 81 27.66 -2.01 14.31
N SER A 82 26.55 -2.66 13.99
CA SER A 82 26.60 -4.04 13.54
C SER A 82 27.43 -4.21 12.29
N LEU A 83 27.37 -3.24 11.38
CA LEU A 83 28.16 -3.34 10.17
C LEU A 83 29.65 -3.32 10.54
N ASN A 84 30.02 -2.45 11.47
CA ASN A 84 31.41 -2.34 11.91
C ASN A 84 31.93 -3.57 12.67
N ASP A 85 31.27 -3.94 13.78
CA ASP A 85 31.74 -5.08 14.58
C ASP A 85 31.17 -6.47 14.28
N GLY A 86 30.28 -6.58 13.31
CA GLY A 86 29.73 -7.87 12.96
C GLY A 86 28.81 -8.54 13.98
N ARG A 87 28.45 -7.84 15.06
CA ARG A 87 27.57 -8.43 16.06
C ARG A 87 26.10 -8.31 15.69
N THR A 88 25.28 -9.24 16.18
CA THR A 88 23.85 -9.21 15.91
C THR A 88 23.12 -8.37 16.95
N ARG A 89 22.42 -7.34 16.50
CA ARG A 89 21.66 -6.47 17.38
C ARG A 89 20.17 -6.47 17.03
N PHE A 90 19.81 -7.17 15.95
CA PHE A 90 18.42 -7.22 15.52
C PHE A 90 18.24 -8.21 14.39
N VAL A 91 16.99 -8.58 14.14
CA VAL A 91 16.67 -9.51 13.07
C VAL A 91 15.37 -9.03 12.40
N PHE A 92 15.35 -9.03 11.07
CA PHE A 92 14.16 -8.60 10.32
C PHE A 92 13.17 -9.75 10.37
N ASP A 93 12.13 -9.61 11.17
CA ASP A 93 11.16 -10.69 11.33
C ASP A 93 9.82 -10.53 10.64
N ASP A 94 9.70 -9.61 9.69
CA ASP A 94 8.43 -9.50 9.00
C ASP A 94 8.22 -10.86 8.32
N ASP A 95 6.97 -11.30 8.22
CA ASP A 95 6.69 -12.60 7.62
C ASP A 95 5.24 -12.62 7.12
N ASN A 96 4.90 -13.65 6.36
CA ASN A 96 3.54 -13.80 5.85
C ASN A 96 2.69 -14.20 7.05
N PHE A 97 1.65 -13.42 7.32
CA PHE A 97 0.78 -13.69 8.45
C PHE A 97 -0.10 -14.93 8.32
N ILE A 98 -0.24 -15.63 9.44
CA ILE A 98 -1.09 -16.79 9.50
C ILE A 98 -2.28 -16.33 10.33
N TYR A 99 -3.48 -16.39 9.75
CA TYR A 99 -4.68 -15.97 10.44
C TYR A 99 -5.48 -17.20 10.81
N ILE A 100 -5.96 -17.23 12.04
CA ILE A 100 -6.72 -18.38 12.53
C ILE A 100 -8.09 -18.04 13.13
N ASP A 101 -9.11 -18.72 12.62
CA ASP A 101 -10.48 -18.57 13.11
C ASP A 101 -10.75 -19.85 13.90
N GLU A 102 -11.44 -19.73 15.03
CA GLU A 102 -11.70 -20.89 15.88
C GLU A 102 -12.31 -22.11 15.19
N GLU A 103 -13.26 -21.86 14.30
CA GLU A 103 -13.96 -22.93 13.62
C GLU A 103 -13.37 -23.37 12.29
N ARG A 104 -12.95 -22.41 11.48
CA ARG A 104 -12.43 -22.70 10.18
C ARG A 104 -10.94 -23.06 10.16
N GLY A 105 -10.18 -22.52 11.12
CA GLY A 105 -8.76 -22.79 11.14
C GLY A 105 -8.09 -21.69 10.34
N ARG A 106 -6.99 -22.01 9.66
CA ARG A 106 -6.27 -21.02 8.86
C ARG A 106 -7.13 -20.44 7.74
N VAL A 107 -7.07 -19.12 7.57
CA VAL A 107 -7.82 -18.42 6.54
C VAL A 107 -6.93 -17.46 5.77
N ASP A 108 -5.63 -17.52 6.06
CA ASP A 108 -4.62 -16.68 5.40
C ASP A 108 -4.34 -17.20 4.00
N HIS A 109 -3.90 -16.32 3.10
CA HIS A 109 -3.52 -16.68 1.73
C HIS A 109 -4.43 -17.79 1.15
N ASP A 110 -5.75 -17.60 1.24
CA ASP A 110 -6.72 -18.60 0.78
C ASP A 110 -7.23 -18.34 -0.63
N LYS A 111 -7.16 -19.36 -1.48
CA LYS A 111 -7.57 -19.22 -2.88
C LYS A 111 -9.01 -18.80 -3.16
N GLU A 112 -9.87 -18.84 -2.15
CA GLU A 112 -11.26 -18.44 -2.36
C GLU A 112 -11.69 -17.25 -1.49
N LEU A 113 -11.12 -17.14 -0.29
CA LEU A 113 -11.45 -16.04 0.62
C LEU A 113 -10.67 -14.78 0.25
N LEU A 114 -9.41 -14.96 -0.15
CA LEU A 114 -8.56 -13.86 -0.55
C LEU A 114 -8.73 -12.66 0.37
N LEU A 115 -8.79 -12.92 1.67
CA LEU A 115 -9.01 -11.86 2.65
C LEU A 115 -7.99 -10.72 2.58
N GLU A 116 -6.72 -11.07 2.35
CA GLU A 116 -5.67 -10.06 2.28
C GLU A 116 -5.92 -9.03 1.19
N ILE A 117 -6.45 -9.49 0.06
CA ILE A 117 -6.74 -8.60 -1.05
C ILE A 117 -7.85 -7.62 -0.72
N VAL A 118 -8.97 -8.08 -0.18
CA VAL A 118 -10.02 -7.14 0.16
C VAL A 118 -9.59 -6.28 1.33
N ASP A 119 -8.64 -6.77 2.13
CA ASP A 119 -8.15 -5.97 3.25
C ASP A 119 -7.43 -4.76 2.66
N ASN A 120 -6.69 -4.97 1.59
CA ASN A 120 -5.99 -3.88 0.94
C ASN A 120 -6.96 -2.85 0.35
N GLU A 121 -8.08 -3.31 -0.20
CA GLU A 121 -9.07 -2.40 -0.75
C GLU A 121 -9.65 -1.54 0.36
N MET A 122 -9.85 -2.17 1.52
CA MET A 122 -10.38 -1.51 2.69
C MET A 122 -9.52 -0.30 3.08
N SER A 123 -8.21 -0.51 3.20
CA SER A 123 -7.30 0.58 3.54
C SER A 123 -7.36 1.65 2.47
N LYS A 124 -7.48 1.24 1.22
CA LYS A 124 -7.58 2.22 0.15
C LYS A 124 -8.89 2.97 0.33
N PHE A 125 -9.92 2.25 0.75
CA PHE A 125 -11.22 2.86 0.99
C PHE A 125 -11.11 3.90 2.11
N ALA A 126 -10.32 3.60 3.14
CA ALA A 126 -10.16 4.53 4.25
C ALA A 126 -9.41 5.76 3.78
N GLU A 127 -8.42 5.54 2.91
CA GLU A 127 -7.62 6.63 2.37
C GLU A 127 -8.53 7.64 1.66
N LEU A 128 -9.37 7.14 0.76
CA LEU A 128 -10.28 8.00 0.00
C LEU A 128 -11.33 8.68 0.88
N GLU A 129 -11.84 7.96 1.88
CA GLU A 129 -12.87 8.50 2.77
C GLU A 129 -12.49 9.77 3.49
N PHE A 130 -11.22 9.91 3.87
CA PHE A 130 -10.78 11.10 4.59
C PHE A 130 -9.94 12.08 3.78
N HIS A 131 -9.58 11.71 2.56
CA HIS A 131 -8.78 12.57 1.71
C HIS A 131 -9.36 13.98 1.60
N GLN A 132 -8.47 14.96 1.52
CA GLN A 132 -8.87 16.36 1.40
C GLN A 132 -10.30 16.71 1.79
N HIS A 133 -10.53 16.86 3.09
CA HIS A 133 -11.85 17.19 3.61
C HIS A 133 -11.78 17.46 5.10
N LEU A 134 -10.56 17.57 5.61
CA LEU A 134 -10.33 17.80 7.04
C LEU A 134 -11.08 16.75 7.83
N GLY A 135 -11.18 15.55 7.24
CA GLY A 135 -11.87 14.44 7.88
C GLY A 135 -13.34 14.73 8.14
N VAL A 136 -14.07 15.06 7.08
CA VAL A 136 -15.50 15.37 7.18
C VAL A 136 -16.26 14.49 8.17
N SER A 137 -16.25 14.92 9.43
CA SER A 137 -16.92 14.18 10.51
C SER A 137 -16.26 12.81 10.66
N ASP A 138 -15.49 12.65 11.72
CA ASP A 138 -14.79 11.40 11.99
C ASP A 138 -15.62 10.40 12.80
N CYS A 139 -15.33 9.11 12.61
CA CYS A 139 -16.04 8.05 13.32
C CYS A 139 -15.05 7.04 13.88
N SER A 140 -15.55 5.88 14.31
CA SER A 140 -14.70 4.84 14.86
C SER A 140 -14.29 3.88 13.75
N PHE A 141 -13.17 3.21 13.93
CA PHE A 141 -12.68 2.24 12.95
C PHE A 141 -13.81 1.26 12.68
N PHE A 142 -14.59 0.96 13.70
CA PHE A 142 -15.71 0.04 13.53
C PHE A 142 -16.71 0.58 12.53
N GLN A 143 -17.08 1.85 12.68
CA GLN A 143 -18.04 2.48 11.77
C GLN A 143 -17.56 2.45 10.33
N LEU A 144 -16.27 2.72 10.13
CA LEU A 144 -15.68 2.72 8.81
C LEU A 144 -15.74 1.36 8.13
N VAL A 145 -15.40 0.30 8.86
CA VAL A 145 -15.46 -1.03 8.28
C VAL A 145 -16.89 -1.36 7.87
N MET A 146 -17.86 -0.99 8.70
CA MET A 146 -19.26 -1.25 8.37
C MET A 146 -19.64 -0.47 7.10
N LYS A 147 -19.25 0.79 7.00
CA LYS A 147 -19.60 1.60 5.82
C LYS A 147 -19.06 0.93 4.54
N TYR A 148 -17.85 0.40 4.64
CA TYR A 148 -17.21 -0.28 3.53
C TYR A 148 -18.03 -1.50 3.10
N LEU A 149 -18.40 -2.35 4.07
CA LEU A 149 -19.17 -3.56 3.81
C LEU A 149 -20.49 -3.24 3.15
N LEU A 150 -21.12 -2.18 3.64
CA LEU A 150 -22.39 -1.76 3.09
C LEU A 150 -22.20 -1.26 1.67
N GLN A 151 -21.16 -0.47 1.45
CA GLN A 151 -20.91 0.08 0.12
C GLN A 151 -20.42 -0.93 -0.91
N ARG A 152 -19.68 -1.94 -0.48
CA ARG A 152 -19.12 -2.91 -1.42
C ARG A 152 -19.71 -4.33 -1.39
N ARG A 153 -20.79 -4.49 -0.64
CA ARG A 153 -21.45 -5.78 -0.52
C ARG A 153 -21.62 -6.47 -1.88
N GLN A 154 -22.02 -5.70 -2.89
CA GLN A 154 -22.22 -6.24 -4.22
C GLN A 154 -20.98 -6.97 -4.76
N PHE A 155 -19.81 -6.59 -4.27
CA PHE A 155 -18.57 -7.19 -4.76
C PHE A 155 -17.84 -8.07 -3.75
N LEU A 156 -18.56 -8.57 -2.75
CA LEU A 156 -17.97 -9.43 -1.72
C LEU A 156 -18.78 -10.70 -1.52
N THR A 157 -18.10 -11.82 -1.30
CA THR A 157 -18.78 -13.09 -1.07
C THR A 157 -19.31 -13.08 0.37
N ASN A 158 -20.00 -14.15 0.75
CA ASN A 158 -20.52 -14.22 2.12
C ASN A 158 -19.37 -14.33 3.13
N ASP A 159 -18.43 -15.24 2.88
CA ASP A 159 -17.31 -15.41 3.80
C ASP A 159 -16.44 -14.17 3.91
N GLN A 160 -16.29 -13.42 2.82
CA GLN A 160 -15.48 -12.20 2.87
C GLN A 160 -16.15 -11.20 3.82
N ILE A 161 -17.45 -11.02 3.69
CA ILE A 161 -18.16 -10.09 4.57
C ILE A 161 -18.07 -10.58 6.01
N ARG A 162 -17.92 -11.89 6.20
CA ARG A 162 -17.83 -12.45 7.55
C ARG A 162 -16.45 -12.39 8.19
N TYR A 163 -15.43 -12.80 7.47
CA TYR A 163 -14.10 -12.79 8.06
C TYR A 163 -13.29 -11.51 7.88
N LEU A 164 -13.48 -10.80 6.77
CA LEU A 164 -12.70 -9.58 6.54
C LEU A 164 -12.67 -8.63 7.72
N PRO A 165 -13.86 -8.23 8.22
CA PRO A 165 -13.87 -7.31 9.36
C PRO A 165 -13.10 -7.82 10.59
N GLN A 166 -13.01 -9.14 10.75
CA GLN A 166 -12.28 -9.69 11.90
C GLN A 166 -10.78 -9.72 11.64
N LEU A 167 -10.39 -9.93 10.39
CA LEU A 167 -8.98 -9.97 10.03
C LEU A 167 -8.35 -8.59 10.11
N CYS A 168 -9.05 -7.61 9.53
CA CYS A 168 -8.57 -6.24 9.49
C CYS A 168 -8.34 -5.62 10.88
N ARG A 169 -8.95 -6.21 11.90
CA ARG A 169 -8.80 -5.70 13.26
C ARG A 169 -7.42 -5.96 13.87
N TYR A 170 -6.49 -6.51 13.09
CA TYR A 170 -5.15 -6.73 13.64
C TYR A 170 -4.59 -5.34 13.96
N LEU A 171 -5.11 -4.33 13.27
CA LEU A 171 -4.71 -2.95 13.47
C LEU A 171 -4.92 -2.54 14.93
N GLU A 172 -5.80 -3.22 15.65
CA GLU A 172 -6.04 -2.90 17.06
C GLU A 172 -4.73 -3.12 17.81
N LEU A 173 -3.91 -4.06 17.32
CA LEU A 173 -2.63 -4.35 17.97
C LEU A 173 -1.54 -3.36 17.59
N TRP A 174 -1.84 -2.46 16.67
CA TRP A 174 -0.88 -1.43 16.28
C TRP A 174 -1.19 -0.25 17.20
N HIS A 175 -2.46 -0.04 17.49
CA HIS A 175 -2.90 1.09 18.32
C HIS A 175 -3.12 0.77 19.80
N GLY A 176 -3.51 -0.46 20.09
CA GLY A 176 -3.76 -0.84 21.47
C GLY A 176 -5.17 -0.49 21.90
N LEU A 177 -6.08 -0.42 20.92
CA LEU A 177 -7.49 -0.09 21.20
C LEU A 177 -8.47 -0.88 20.33
N ASP A 178 -9.58 -1.27 20.95
CA ASP A 178 -10.65 -1.99 20.28
C ASP A 178 -11.11 -1.14 19.11
N TRP A 179 -11.70 -1.76 18.09
CA TRP A 179 -12.14 -1.01 16.92
C TRP A 179 -13.30 -0.06 17.17
N LYS A 180 -14.03 -0.25 18.27
CA LYS A 180 -15.13 0.65 18.57
C LYS A 180 -14.67 1.87 19.37
N LEU A 181 -13.39 1.88 19.74
CA LEU A 181 -12.84 2.98 20.51
C LEU A 181 -11.81 3.76 19.71
N LEU A 182 -11.33 3.14 18.63
CA LEU A 182 -10.30 3.76 17.80
C LEU A 182 -10.81 4.74 16.75
N SER A 183 -10.10 5.85 16.63
CA SER A 183 -10.43 6.88 15.64
C SER A 183 -10.14 6.35 14.24
N ALA A 184 -11.12 6.43 13.36
CA ALA A 184 -10.96 5.96 11.99
C ALA A 184 -9.91 6.78 11.23
N LYS A 185 -9.95 8.10 11.40
CA LYS A 185 -9.00 8.97 10.71
C LYS A 185 -7.54 8.60 10.99
N ASP A 186 -7.26 8.10 12.18
CA ASP A 186 -5.87 7.77 12.52
C ASP A 186 -5.53 6.29 12.42
N THR A 187 -6.55 5.46 12.21
CA THR A 187 -6.34 4.01 12.12
C THR A 187 -5.25 3.60 11.14
N TYR A 188 -5.46 3.92 9.88
CA TYR A 188 -4.50 3.58 8.83
C TYR A 188 -3.36 4.56 8.72
N PHE A 189 -2.17 4.00 8.62
CA PHE A 189 -0.95 4.78 8.50
C PHE A 189 -0.02 3.96 7.63
N GLY A 190 0.99 4.60 7.06
CA GLY A 190 1.91 3.90 6.21
C GLY A 190 3.26 3.70 6.89
N HIS A 191 3.74 2.47 6.85
CA HIS A 191 5.01 2.13 7.45
C HIS A 191 6.10 2.33 6.42
N GLN A 192 7.13 3.07 6.80
CA GLN A 192 8.23 3.34 5.89
C GLN A 192 9.28 2.23 5.90
N GLY A 193 8.90 1.06 5.41
CA GLY A 193 9.82 -0.06 5.36
C GLY A 193 9.55 -1.19 6.34
N ARG A 194 10.38 -2.22 6.26
CA ARG A 194 10.25 -3.37 7.14
C ARG A 194 10.54 -3.10 8.61
N ASN A 195 10.08 -4.00 9.47
CA ASN A 195 10.31 -3.88 10.90
C ASN A 195 11.52 -4.72 11.29
N ALA A 196 12.26 -4.26 12.29
CA ALA A 196 13.43 -4.99 12.75
C ALA A 196 13.28 -5.28 14.24
N PHE A 197 13.06 -6.56 14.56
CA PHE A 197 12.91 -7.01 15.94
C PHE A 197 14.25 -6.81 16.67
N ALA A 198 14.25 -5.97 17.68
CA ALA A 198 15.47 -5.68 18.44
C ALA A 198 15.87 -6.88 19.29
N LEU A 199 17.14 -7.28 19.21
CA LEU A 199 17.59 -8.40 20.02
C LEU A 199 18.28 -7.79 21.22
N ASN A 200 17.44 -7.25 22.10
CA ASN A 200 17.90 -6.62 23.30
C ASN A 200 17.77 -5.12 23.20
N TYR A 201 16.56 -4.59 23.44
CA TYR A 201 16.37 -3.14 23.43
C TYR A 201 17.10 -2.60 24.65
N ASP A 202 17.36 -3.48 25.61
CA ASP A 202 18.09 -3.10 26.81
C ASP A 202 19.52 -2.77 26.40
N SER A 203 20.04 -3.49 25.40
CA SER A 203 21.39 -3.23 24.88
C SER A 203 21.43 -1.80 24.36
N VAL A 204 20.33 -1.36 23.76
CA VAL A 204 20.23 0.01 23.24
C VAL A 204 20.27 0.93 24.45
N VAL A 205 19.40 0.67 25.42
CA VAL A 205 19.35 1.48 26.63
C VAL A 205 20.73 1.57 27.31
N GLN A 206 21.40 0.44 27.48
CA GLN A 206 22.71 0.38 28.12
C GLN A 206 23.74 1.25 27.41
N ARG A 207 23.90 1.02 26.12
CA ARG A 207 24.86 1.81 25.33
C ARG A 207 24.66 3.31 25.54
N ILE A 208 23.42 3.78 25.39
CA ILE A 208 23.11 5.20 25.55
C ILE A 208 23.32 5.64 26.99
N ALA A 209 22.87 4.81 27.93
CA ALA A 209 23.00 5.11 29.35
C ALA A 209 24.46 5.31 29.76
N GLN A 210 25.36 4.51 29.20
CA GLN A 210 26.79 4.60 29.51
C GLN A 210 27.42 5.84 28.89
N SER A 211 26.80 6.34 27.82
CA SER A 211 27.27 7.51 27.08
C SER A 211 27.57 8.77 27.89
N PHE A 212 27.10 8.83 29.14
CA PHE A 212 27.35 10.01 29.95
C PHE A 212 27.82 9.67 31.38
N PRO A 213 28.37 10.67 32.09
CA PRO A 213 28.84 10.43 33.46
C PRO A 213 27.79 9.86 34.40
N GLN A 214 28.06 8.66 34.91
CA GLN A 214 27.16 7.96 35.81
C GLN A 214 26.62 8.79 36.97
N ASN A 215 27.46 9.61 37.58
CA ASN A 215 27.03 10.43 38.71
C ASN A 215 25.93 11.43 38.34
N TRP A 216 25.62 11.49 37.05
CA TRP A 216 24.57 12.38 36.56
C TRP A 216 23.21 11.78 36.92
N LEU A 217 23.17 10.46 36.97
CA LEU A 217 21.94 9.71 37.25
C LEU A 217 21.46 9.72 38.70
N LYS A 218 20.15 9.91 38.87
CA LYS A 218 19.54 9.91 40.21
C LYS A 218 18.24 9.11 40.20
N LEU A 219 18.35 7.83 40.52
CA LEU A 219 17.20 6.93 40.54
C LEU A 219 16.35 7.15 41.81
N SER A 220 15.08 6.81 41.74
CA SER A 220 14.18 6.98 42.88
C SER A 220 13.98 8.45 43.26
N CYS A 221 13.89 9.31 42.26
CA CYS A 221 13.68 10.75 42.48
C CYS A 221 12.37 11.06 41.81
N GLU A 222 11.27 10.96 42.55
CA GLU A 222 9.98 11.27 41.95
C GLU A 222 9.77 12.78 42.01
N VAL A 223 9.90 13.45 40.87
CA VAL A 223 9.72 14.90 40.81
C VAL A 223 8.27 15.23 41.13
N LYS A 224 8.06 16.14 42.07
CA LYS A 224 6.72 16.51 42.48
C LYS A 224 6.31 17.92 42.06
N SER A 225 7.28 18.73 41.66
CA SER A 225 6.96 20.10 41.25
C SER A 225 8.10 20.81 40.51
N ILE A 226 7.73 21.60 39.51
CA ILE A 226 8.68 22.37 38.72
C ILE A 226 8.22 23.83 38.78
N THR A 227 9.15 24.73 39.07
CA THR A 227 8.81 26.15 39.19
C THR A 227 9.71 27.06 38.37
N ARG A 228 9.07 28.00 37.66
CA ARG A 228 9.80 28.95 36.86
C ARG A 228 10.37 30.00 37.78
N GLU A 229 11.62 29.79 38.21
CA GLU A 229 12.25 30.74 39.10
C GLU A 229 12.25 32.13 38.51
N PRO A 230 11.45 33.06 39.05
CA PRO A 230 11.39 34.43 38.54
C PRO A 230 12.74 35.12 38.75
N SER A 231 13.73 34.65 38.01
CA SER A 231 15.09 35.15 38.07
C SER A 231 15.94 34.36 37.08
N LYS A 232 15.26 33.70 36.14
CA LYS A 232 15.97 32.91 35.14
C LYS A 232 15.93 31.41 35.37
N ASN A 233 16.83 30.92 36.21
CA ASN A 233 16.94 29.49 36.54
C ASN A 233 15.62 28.82 36.93
N VAL A 234 15.61 27.49 36.88
CA VAL A 234 14.45 26.70 37.23
C VAL A 234 14.76 25.82 38.44
N THR A 235 13.76 25.58 39.28
CA THR A 235 13.94 24.76 40.47
C THR A 235 13.06 23.52 40.48
N VAL A 236 13.66 22.37 40.79
CA VAL A 236 12.95 21.09 40.82
C VAL A 236 13.04 20.42 42.19
N ASN A 237 11.94 19.83 42.64
CA ASN A 237 11.88 19.15 43.93
C ASN A 237 11.43 17.70 43.77
N CYS A 238 12.19 16.75 44.32
CA CYS A 238 11.81 15.34 44.26
C CYS A 238 11.10 15.01 45.57
N GLU A 239 10.04 14.23 45.49
CA GLU A 239 9.24 13.84 46.63
C GLU A 239 10.04 13.62 47.93
N ASP A 240 11.19 12.98 47.82
CA ASP A 240 12.02 12.70 48.98
C ASP A 240 12.69 13.91 49.61
N GLY A 241 12.25 15.11 49.22
CA GLY A 241 12.83 16.31 49.79
C GLY A 241 13.88 17.05 48.97
N THR A 242 14.93 16.36 48.56
CA THR A 242 16.00 16.98 47.78
C THR A 242 15.51 18.01 46.76
N VAL A 243 16.22 19.13 46.70
CA VAL A 243 15.88 20.22 45.77
C VAL A 243 17.07 20.50 44.85
N TYR A 244 16.78 20.85 43.60
CA TYR A 244 17.83 21.15 42.63
C TYR A 244 17.50 22.42 41.85
N ASN A 245 18.48 22.91 41.08
CA ASN A 245 18.30 24.11 40.27
C ASN A 245 19.18 24.04 39.03
N ALA A 246 18.64 24.46 37.90
CA ALA A 246 19.38 24.43 36.65
C ALA A 246 18.94 25.51 35.66
N ASP A 247 19.75 25.68 34.62
CA ASP A 247 19.48 26.66 33.59
C ASP A 247 18.29 26.22 32.74
N TYR A 248 18.31 24.96 32.32
CA TYR A 248 17.24 24.40 31.51
C TYR A 248 16.78 23.05 32.07
N VAL A 249 15.52 22.71 31.83
CA VAL A 249 14.97 21.44 32.30
C VAL A 249 14.28 20.76 31.13
N ILE A 250 14.46 19.45 31.00
CA ILE A 250 13.83 18.69 29.94
C ILE A 250 12.94 17.62 30.56
N ILE A 251 11.64 17.84 30.46
CA ILE A 251 10.60 16.96 31.00
C ILE A 251 10.21 15.87 29.99
N THR A 252 10.56 14.63 30.29
CA THR A 252 10.25 13.53 29.38
C THR A 252 9.22 12.55 29.90
N VAL A 253 8.50 12.92 30.96
CA VAL A 253 7.49 12.01 31.50
C VAL A 253 6.43 11.74 30.43
N PRO A 254 5.79 10.57 30.47
CA PRO A 254 4.78 10.28 29.47
C PRO A 254 3.57 11.20 29.54
N GLN A 255 2.97 11.41 28.37
CA GLN A 255 1.81 12.27 28.22
C GLN A 255 0.75 12.02 29.29
N SER A 256 0.43 10.76 29.54
CA SER A 256 -0.59 10.42 30.54
C SER A 256 -0.22 10.91 31.93
N VAL A 257 1.05 10.82 32.28
CA VAL A 257 1.49 11.26 33.59
C VAL A 257 1.45 12.79 33.67
N LEU A 258 1.93 13.42 32.61
CA LEU A 258 1.97 14.87 32.53
C LEU A 258 0.55 15.42 32.53
N ASN A 259 -0.40 14.63 32.04
CA ASN A 259 -1.79 15.06 32.00
C ASN A 259 -2.33 15.30 33.41
N LEU A 260 -1.72 14.65 34.41
CA LEU A 260 -2.15 14.78 35.80
C LEU A 260 -2.01 16.22 36.28
N SER A 261 -1.00 16.92 35.78
CA SER A 261 -0.75 18.30 36.16
C SER A 261 -1.95 19.23 36.04
N VAL A 262 -2.92 18.85 35.22
CA VAL A 262 -4.10 19.69 35.02
C VAL A 262 -5.25 19.34 35.96
N GLN A 263 -4.95 18.58 37.01
CA GLN A 263 -5.99 18.21 37.95
C GLN A 263 -5.69 18.72 39.34
N PRO A 264 -6.66 18.65 40.23
CA PRO A 264 -6.48 19.10 41.60
C PRO A 264 -5.87 18.05 42.51
N GLU A 265 -5.16 18.52 43.54
CA GLU A 265 -4.53 17.60 44.48
C GLU A 265 -3.32 16.92 43.86
N LYS A 266 -2.14 17.47 44.11
CA LYS A 266 -0.92 16.89 43.57
C LYS A 266 -0.64 15.54 44.19
N ASN A 267 -1.70 14.96 44.73
CA ASN A 267 -1.66 13.67 45.40
C ASN A 267 -1.40 12.49 44.47
N LEU A 268 -1.72 12.66 43.19
CA LEU A 268 -1.53 11.59 42.21
C LEU A 268 -0.06 11.22 42.01
N ARG A 269 0.24 9.94 42.21
CA ARG A 269 1.58 9.44 42.05
C ARG A 269 2.13 9.89 40.70
N GLY A 270 3.29 10.54 40.70
CA GLY A 270 3.88 11.00 39.46
C GLY A 270 3.52 12.40 39.02
N ARG A 271 2.34 12.87 39.39
CA ARG A 271 1.90 14.22 39.01
C ARG A 271 2.88 15.32 39.42
N ILE A 272 3.26 16.14 38.44
CA ILE A 272 4.18 17.23 38.66
C ILE A 272 3.41 18.53 38.82
N GLU A 273 3.79 19.32 39.83
CA GLU A 273 3.14 20.60 40.10
C GLU A 273 3.89 21.72 39.42
N PHE A 274 3.29 22.27 38.36
CA PHE A 274 3.91 23.34 37.61
C PHE A 274 3.55 24.73 38.12
N GLN A 275 4.56 25.58 38.23
CA GLN A 275 4.37 26.94 38.71
C GLN A 275 5.27 27.93 37.93
N PRO A 276 4.65 28.79 37.10
CA PRO A 276 3.20 28.88 36.88
C PRO A 276 2.69 27.67 36.14
N PRO A 277 1.37 27.48 36.11
CA PRO A 277 0.80 26.33 35.40
C PRO A 277 1.16 26.30 33.92
N LEU A 278 0.92 25.16 33.28
CA LEU A 278 1.20 24.98 31.88
C LEU A 278 0.19 25.77 31.04
N LYS A 279 0.69 26.72 30.24
CA LYS A 279 -0.17 27.55 29.42
C LYS A 279 -1.30 26.78 28.71
N PRO A 280 -2.48 27.40 28.61
CA PRO A 280 -3.68 26.83 27.98
C PRO A 280 -3.51 26.07 26.67
N VAL A 281 -2.56 26.50 25.83
CA VAL A 281 -2.36 25.81 24.56
C VAL A 281 -1.99 24.35 24.87
N ILE A 282 -1.31 24.13 25.99
CA ILE A 282 -0.91 22.79 26.42
C ILE A 282 -2.11 22.06 27.01
N GLN A 283 -2.76 22.68 27.99
CA GLN A 283 -3.92 22.09 28.65
C GLN A 283 -4.95 21.60 27.64
N ASP A 284 -5.28 22.44 26.67
CA ASP A 284 -6.26 22.09 25.66
C ASP A 284 -5.80 20.91 24.81
N ALA A 285 -4.49 20.81 24.59
CA ALA A 285 -3.97 19.72 23.81
C ALA A 285 -4.48 18.38 24.32
N PHE A 286 -4.58 18.23 25.64
CA PHE A 286 -5.04 16.98 26.26
C PHE A 286 -6.49 16.64 25.95
N ASP A 287 -7.28 17.61 25.50
CA ASP A 287 -8.68 17.35 25.15
C ASP A 287 -8.73 16.58 23.85
N LYS A 288 -7.63 16.61 23.11
CA LYS A 288 -7.53 15.89 21.85
C LYS A 288 -7.00 14.49 22.18
N ILE A 289 -7.70 13.84 23.11
CA ILE A 289 -7.38 12.48 23.56
C ILE A 289 -5.93 12.01 23.57
N HIS A 290 -5.78 10.68 23.61
CA HIS A 290 -4.46 10.07 23.62
C HIS A 290 -4.43 8.85 24.50
N PHE A 291 -3.22 8.29 24.67
CA PHE A 291 -2.96 7.10 25.49
C PHE A 291 -3.79 5.85 25.20
N GLY A 292 -3.12 4.83 24.64
CA GLY A 292 -3.78 3.56 24.35
C GLY A 292 -3.28 2.53 25.34
N ALA A 293 -3.69 1.27 25.22
CA ALA A 293 -3.23 0.27 26.17
C ALA A 293 -2.71 -1.02 25.57
N LEU A 294 -1.60 -0.97 24.85
CA LEU A 294 -1.06 -2.20 24.29
C LEU A 294 -0.46 -3.03 25.42
N GLY A 295 -0.82 -4.31 25.48
CA GLY A 295 -0.30 -5.18 26.53
C GLY A 295 0.43 -6.38 25.92
N LYS A 296 1.15 -7.12 26.76
CA LYS A 296 1.90 -8.31 26.30
C LYS A 296 1.86 -9.48 27.28
N VAL A 297 1.75 -10.68 26.73
CA VAL A 297 1.76 -11.90 27.52
C VAL A 297 2.72 -12.87 26.84
N ILE A 298 3.78 -13.25 27.55
CA ILE A 298 4.78 -14.17 27.00
C ILE A 298 4.46 -15.62 27.39
N PHE A 299 4.47 -16.53 26.43
CA PHE A 299 4.21 -17.95 26.73
C PHE A 299 5.52 -18.73 26.48
N GLU A 300 6.08 -19.27 27.56
CA GLU A 300 7.33 -20.01 27.49
C GLU A 300 7.15 -21.54 27.50
N PHE A 301 7.58 -22.20 26.44
CA PHE A 301 7.46 -23.66 26.37
C PHE A 301 8.83 -24.32 26.53
N GLU A 302 8.84 -25.60 26.90
CA GLU A 302 10.09 -26.35 27.08
C GLU A 302 10.91 -26.27 25.81
N GLU A 303 10.27 -26.57 24.69
CA GLU A 303 10.92 -26.50 23.39
C GLU A 303 9.89 -26.52 22.27
N CYS A 304 10.33 -26.15 21.08
CA CYS A 304 9.45 -26.08 19.92
C CYS A 304 9.17 -27.43 19.28
N CYS A 305 7.89 -27.77 19.17
CA CYS A 305 7.48 -29.02 18.54
C CYS A 305 6.33 -28.71 17.57
N TRP A 306 6.39 -27.53 16.97
CA TRP A 306 5.36 -27.09 16.04
C TRP A 306 6.03 -26.47 14.82
N SER A 307 5.27 -26.31 13.75
CA SER A 307 5.78 -25.72 12.52
C SER A 307 6.26 -24.28 12.66
N ASN A 308 7.40 -23.98 12.04
CA ASN A 308 7.96 -22.64 12.07
C ASN A 308 7.79 -21.96 10.72
N GLU A 309 6.68 -22.27 10.07
CA GLU A 309 6.37 -21.68 8.77
C GLU A 309 6.48 -20.16 8.85
N SER A 310 5.92 -19.57 9.90
CA SER A 310 5.95 -18.13 10.06
C SER A 310 6.07 -17.64 11.51
N SER A 311 6.67 -16.46 11.68
CA SER A 311 6.83 -15.88 12.99
C SER A 311 5.65 -14.97 13.35
N LYS A 312 4.74 -14.75 12.39
CA LYS A 312 3.57 -13.89 12.60
C LYS A 312 2.27 -14.68 12.58
N ILE A 313 1.51 -14.60 13.67
CA ILE A 313 0.23 -15.31 13.78
C ILE A 313 -0.82 -14.45 14.47
N VAL A 314 -2.05 -14.51 13.97
CA VAL A 314 -3.15 -13.76 14.55
C VAL A 314 -4.40 -14.61 14.63
N THR A 315 -5.03 -14.61 15.80
CA THR A 315 -6.27 -15.35 15.95
C THR A 315 -7.38 -14.31 15.82
N LEU A 316 -8.38 -14.61 14.99
CA LEU A 316 -9.51 -13.71 14.77
C LEU A 316 -10.63 -13.94 15.77
N ALA A 317 -11.32 -12.88 16.18
CA ALA A 317 -12.45 -13.01 17.10
C ALA A 317 -13.55 -13.80 16.38
N ASN A 318 -14.39 -14.51 17.12
CA ASN A 318 -15.46 -15.28 16.46
C ASN A 318 -16.31 -14.36 15.60
N SER A 319 -16.92 -14.92 14.56
CA SER A 319 -17.79 -14.15 13.68
C SER A 319 -19.01 -15.03 13.38
N THR A 320 -20.06 -14.44 12.82
CA THR A 320 -21.26 -15.23 12.55
C THR A 320 -21.87 -15.05 11.16
N ASN A 321 -22.54 -16.09 10.69
CA ASN A 321 -23.20 -16.03 9.40
C ASN A 321 -24.40 -15.09 9.47
N GLU A 322 -24.97 -14.92 10.66
CA GLU A 322 -26.11 -14.02 10.80
C GLU A 322 -25.67 -12.59 10.53
N PHE A 323 -24.39 -12.32 10.74
CA PHE A 323 -23.82 -10.98 10.51
C PHE A 323 -23.89 -10.70 9.01
N VAL A 324 -23.58 -11.72 8.21
CA VAL A 324 -23.61 -11.59 6.76
C VAL A 324 -25.02 -11.25 6.32
N GLU A 325 -25.99 -12.02 6.82
CA GLU A 325 -27.40 -11.84 6.51
C GLU A 325 -27.85 -10.41 6.81
N ILE A 326 -27.47 -9.90 7.96
CA ILE A 326 -27.84 -8.54 8.32
C ILE A 326 -27.25 -7.53 7.35
N VAL A 327 -26.01 -7.77 6.92
CA VAL A 327 -25.33 -6.88 5.97
C VAL A 327 -26.02 -6.91 4.60
N ARG A 328 -26.37 -8.11 4.13
CA ARG A 328 -27.03 -8.25 2.84
C ARG A 328 -28.42 -7.62 2.84
N ASN A 329 -29.06 -7.58 4.00
CA ASN A 329 -30.41 -7.04 4.11
C ASN A 329 -30.59 -5.59 4.53
N ALA A 330 -29.59 -4.98 5.16
CA ALA A 330 -29.76 -3.60 5.60
C ALA A 330 -30.08 -2.67 4.43
N GLU A 331 -31.05 -1.78 4.61
CA GLU A 331 -31.42 -0.85 3.55
C GLU A 331 -30.51 0.37 3.60
N ASN A 332 -29.81 0.55 4.70
CA ASN A 332 -28.91 1.69 4.83
C ASN A 332 -28.07 1.60 6.09
N LEU A 333 -27.25 2.62 6.30
CA LEU A 333 -26.36 2.70 7.45
C LEU A 333 -27.13 2.67 8.77
N ASP A 334 -28.17 3.50 8.88
CA ASP A 334 -28.94 3.53 10.12
C ASP A 334 -29.56 2.18 10.42
N GLU A 335 -30.30 1.67 9.46
CA GLU A 335 -30.93 0.37 9.62
C GLU A 335 -29.88 -0.68 9.99
N LEU A 336 -28.65 -0.50 9.49
CA LEU A 336 -27.55 -1.42 9.77
C LEU A 336 -27.16 -1.36 11.23
N ASP A 337 -26.93 -0.14 11.72
CA ASP A 337 -26.54 0.03 13.12
C ASP A 337 -27.54 -0.63 14.05
N SER A 338 -28.80 -0.25 13.93
CA SER A 338 -29.85 -0.81 14.78
C SER A 338 -29.90 -2.33 14.67
N MET A 339 -29.93 -2.84 13.44
CA MET A 339 -29.96 -4.28 13.24
C MET A 339 -28.78 -4.93 13.92
N LEU A 340 -27.60 -4.35 13.75
CA LEU A 340 -26.39 -4.86 14.37
C LEU A 340 -26.56 -4.91 15.89
N GLU A 341 -27.40 -4.02 16.42
CA GLU A 341 -27.64 -4.01 17.86
C GLU A 341 -28.27 -5.31 18.32
N ARG A 342 -27.43 -6.24 18.77
CA ARG A 342 -27.90 -7.53 19.25
C ARG A 342 -27.51 -7.77 20.71
N GLU A 343 -28.47 -7.64 21.61
CA GLU A 343 -28.22 -7.85 23.03
C GLU A 343 -28.09 -9.31 23.35
N THR A 349 -22.65 -11.85 27.08
CA THR A 349 -21.71 -11.22 27.99
C THR A 349 -20.55 -12.16 28.25
N SER A 350 -19.56 -11.68 29.00
CA SER A 350 -18.37 -12.45 29.35
C SER A 350 -17.35 -12.47 28.22
N VAL A 351 -16.16 -11.97 28.52
CA VAL A 351 -15.09 -11.93 27.55
C VAL A 351 -14.28 -13.22 27.63
N THR A 352 -13.78 -13.65 26.47
CA THR A 352 -12.97 -14.86 26.38
C THR A 352 -11.85 -14.56 25.40
N CYS A 353 -10.95 -15.51 25.19
CA CYS A 353 -9.84 -15.31 24.27
C CYS A 353 -10.29 -15.14 22.82
N TRP A 354 -11.55 -15.45 22.54
CA TRP A 354 -12.10 -15.32 21.19
C TRP A 354 -12.99 -14.09 21.04
N SER A 355 -12.92 -13.17 22.00
CA SER A 355 -13.74 -11.96 21.96
C SER A 355 -13.05 -10.79 21.28
N GLN A 356 -11.78 -10.97 20.94
CA GLN A 356 -11.02 -9.92 20.27
C GLN A 356 -9.86 -10.56 19.52
N PRO A 357 -9.29 -9.84 18.56
CA PRO A 357 -8.16 -10.43 17.84
C PRO A 357 -6.95 -10.44 18.78
N LEU A 358 -6.01 -11.36 18.54
CA LEU A 358 -4.80 -11.45 19.35
C LEU A 358 -3.62 -11.75 18.43
N PHE A 359 -2.53 -11.03 18.65
CA PHE A 359 -1.33 -11.16 17.84
C PHE A 359 -0.23 -11.92 18.58
N PHE A 360 0.26 -12.99 17.96
CA PHE A 360 1.33 -13.79 18.55
C PHE A 360 2.59 -13.79 17.69
N VAL A 361 3.74 -13.62 18.31
CA VAL A 361 5.02 -13.68 17.61
C VAL A 361 5.60 -15.05 17.97
N ASN A 362 5.78 -15.93 16.99
CA ASN A 362 6.34 -17.25 17.27
C ASN A 362 7.86 -17.09 17.25
N LEU A 363 8.41 -16.75 18.42
CA LEU A 363 9.83 -16.50 18.58
C LEU A 363 10.78 -17.62 18.16
N SER A 364 10.23 -18.80 17.90
CA SER A 364 11.07 -19.92 17.53
C SER A 364 11.69 -19.78 16.14
N LYS A 365 10.91 -19.29 15.18
CA LYS A 365 11.41 -19.13 13.82
C LYS A 365 12.40 -17.99 13.70
N SER A 366 12.09 -16.86 14.33
CA SER A 366 12.94 -15.70 14.24
C SER A 366 14.15 -15.65 15.18
N THR A 367 14.03 -16.23 16.37
CA THR A 367 15.13 -16.19 17.34
C THR A 367 15.57 -17.52 17.93
N GLY A 368 14.85 -18.60 17.63
CA GLY A 368 15.23 -19.90 18.15
C GLY A 368 14.61 -20.26 19.49
N VAL A 369 14.19 -19.26 20.25
CA VAL A 369 13.58 -19.50 21.55
C VAL A 369 12.15 -20.03 21.43
N ALA A 370 11.83 -21.05 22.21
CA ALA A 370 10.52 -21.69 22.20
C ALA A 370 9.49 -20.94 23.02
N SER A 371 9.11 -19.74 22.59
CA SER A 371 8.13 -18.96 23.31
C SER A 371 7.29 -18.09 22.36
N PHE A 372 6.11 -17.67 22.81
CA PHE A 372 5.26 -16.81 21.99
C PHE A 372 5.15 -15.46 22.67
N MET A 373 5.29 -14.38 21.90
CA MET A 373 5.13 -13.03 22.46
C MET A 373 3.77 -12.56 21.93
N MET A 374 2.78 -12.49 22.80
CA MET A 374 1.43 -12.09 22.40
C MET A 374 1.11 -10.65 22.75
N LEU A 375 0.44 -9.95 21.85
CA LEU A 375 0.03 -8.56 22.08
C LEU A 375 -1.48 -8.47 22.28
N MET A 376 -1.94 -7.64 23.21
CA MET A 376 -3.37 -7.49 23.47
C MET A 376 -3.75 -6.02 23.48
N GLN A 377 -5.04 -5.72 23.56
CA GLN A 377 -5.47 -4.34 23.50
C GLN A 377 -6.60 -3.97 24.47
N ALA A 378 -6.75 -2.68 24.72
CA ALA A 378 -7.81 -2.17 25.59
C ALA A 378 -9.11 -2.58 24.92
N PRO A 379 -10.12 -3.01 25.71
CA PRO A 379 -10.17 -3.15 27.17
C PRO A 379 -9.56 -4.44 27.76
N LEU A 380 -9.22 -5.40 26.92
CA LEU A 380 -8.65 -6.67 27.40
C LEU A 380 -7.38 -6.48 28.22
N THR A 381 -6.49 -5.61 27.73
CA THR A 381 -5.22 -5.36 28.40
C THR A 381 -5.27 -5.14 29.91
N ASN A 382 -6.09 -4.20 30.35
CA ASN A 382 -6.16 -3.92 31.79
C ASN A 382 -6.78 -5.07 32.56
N HIS A 383 -7.62 -5.85 31.90
CA HIS A 383 -8.25 -6.99 32.55
C HIS A 383 -7.23 -8.11 32.78
N ILE A 384 -6.45 -8.42 31.75
CA ILE A 384 -5.43 -9.46 31.84
C ILE A 384 -4.30 -9.05 32.79
N GLU A 385 -3.90 -7.77 32.74
CA GLU A 385 -2.83 -7.30 33.63
C GLU A 385 -3.30 -7.30 35.08
N SER A 386 -4.59 -7.05 35.29
CA SER A 386 -5.18 -7.03 36.62
C SER A 386 -5.04 -8.37 37.31
N ILE A 387 -4.98 -9.45 36.53
CA ILE A 387 -4.84 -10.77 37.10
C ILE A 387 -3.51 -11.40 36.70
N ARG A 388 -2.48 -10.57 36.55
CA ARG A 388 -1.16 -11.05 36.13
C ARG A 388 -0.49 -12.02 37.10
N GLU A 389 -0.90 -11.98 38.37
CA GLU A 389 -0.32 -12.85 39.39
C GLU A 389 -0.96 -14.23 39.43
N ASP A 390 -2.15 -14.36 38.83
CA ASP A 390 -2.90 -15.61 38.82
C ASP A 390 -2.62 -16.42 37.55
N LYS A 391 -1.48 -17.11 37.52
CA LYS A 391 -1.08 -17.93 36.36
C LYS A 391 -2.10 -19.00 35.98
N GLU A 392 -2.75 -19.57 36.99
CA GLU A 392 -3.74 -20.60 36.76
C GLU A 392 -4.87 -20.06 35.88
N ARG A 393 -5.41 -18.90 36.24
CA ARG A 393 -6.50 -18.29 35.46
C ARG A 393 -6.01 -17.84 34.09
N LEU A 394 -4.81 -17.27 34.03
CA LEU A 394 -4.23 -16.82 32.77
C LEU A 394 -4.23 -17.98 31.78
N PHE A 395 -3.75 -19.14 32.23
CA PHE A 395 -3.70 -20.29 31.35
C PHE A 395 -5.09 -20.69 30.89
N SER A 396 -6.04 -20.73 31.81
CA SER A 396 -7.40 -21.10 31.44
C SER A 396 -7.96 -20.17 30.38
N PHE A 397 -7.72 -18.87 30.54
CA PHE A 397 -8.21 -17.88 29.59
C PHE A 397 -7.69 -18.07 28.17
N PHE A 398 -6.37 -18.19 28.03
CA PHE A 398 -5.75 -18.35 26.72
C PHE A 398 -5.58 -19.78 26.21
N GLN A 399 -5.91 -20.76 27.03
CA GLN A 399 -5.76 -22.14 26.60
C GLN A 399 -6.45 -22.45 25.26
N PRO A 400 -7.74 -22.09 25.11
CA PRO A 400 -8.37 -22.41 23.82
C PRO A 400 -7.70 -21.83 22.55
N VAL A 401 -7.19 -20.61 22.60
CA VAL A 401 -6.53 -20.07 21.40
C VAL A 401 -5.12 -20.63 21.29
N LEU A 402 -4.52 -20.96 22.43
CA LEU A 402 -3.19 -21.53 22.40
C LEU A 402 -3.30 -22.92 21.77
N ASN A 403 -4.39 -23.63 22.03
CA ASN A 403 -4.58 -24.98 21.47
C ASN A 403 -4.89 -24.93 19.98
N LYS A 404 -5.70 -23.96 19.56
CA LYS A 404 -6.04 -23.88 18.14
C LYS A 404 -4.79 -23.56 17.32
N ILE A 405 -3.92 -22.72 17.86
CA ILE A 405 -2.68 -22.35 17.17
C ILE A 405 -1.79 -23.58 16.98
N MET A 406 -1.67 -24.37 18.03
CA MET A 406 -0.85 -25.56 17.97
C MET A 406 -1.44 -26.57 17.00
N LYS A 407 -2.77 -26.59 16.89
CA LYS A 407 -3.42 -27.53 15.99
C LYS A 407 -3.21 -27.11 14.55
N CYS A 408 -3.17 -25.81 14.30
CA CYS A 408 -2.96 -25.31 12.94
C CYS A 408 -1.49 -25.34 12.57
N LEU A 409 -0.62 -25.55 13.55
CA LEU A 409 0.83 -25.62 13.27
C LEU A 409 1.39 -27.04 13.40
N ASP A 410 0.56 -28.04 13.11
CA ASP A 410 0.95 -29.45 13.17
C ASP A 410 1.50 -29.96 14.49
N SER A 411 0.76 -29.71 15.56
CA SER A 411 1.16 -30.13 16.88
C SER A 411 -0.12 -30.49 17.59
N GLU A 412 -0.08 -30.55 18.93
CA GLU A 412 -1.28 -30.87 19.68
C GLU A 412 -1.50 -29.97 20.90
N ASP A 413 -2.56 -30.24 21.65
CA ASP A 413 -2.90 -29.43 22.83
C ASP A 413 -1.75 -29.20 23.80
N VAL A 414 -1.73 -27.98 24.33
CA VAL A 414 -0.70 -27.56 25.27
C VAL A 414 -0.83 -28.25 26.63
N ILE A 415 0.30 -28.65 27.20
CA ILE A 415 0.33 -29.31 28.50
C ILE A 415 0.75 -28.28 29.55
N ASP A 416 -0.02 -28.19 30.63
CA ASP A 416 0.26 -27.24 31.70
C ASP A 416 1.37 -27.76 32.61
N GLY A 417 2.55 -27.15 32.47
CA GLY A 417 3.69 -27.55 33.27
C GLY A 417 4.29 -26.36 33.97
N MET A 418 3.43 -25.43 34.37
CA MET A 418 3.90 -24.25 35.08
C MET A 418 4.30 -24.67 36.48
N ARG A 419 3.72 -25.78 36.93
CA ARG A 419 4.05 -26.39 38.20
C ARG A 419 4.47 -27.78 37.70
N PRO A 420 5.66 -27.86 37.09
CA PRO A 420 6.22 -29.08 36.51
C PRO A 420 6.08 -30.43 37.23
N ILE A 421 6.05 -31.47 36.38
CA ILE A 421 5.92 -32.85 36.75
C ILE A 421 6.54 -33.63 35.61
N GLU A 422 7.86 -33.79 35.66
CA GLU A 422 8.58 -34.51 34.59
C GLU A 422 7.88 -35.81 34.20
N ASN A 423 7.42 -35.86 32.95
CA ASN A 423 6.73 -37.04 32.43
C ASN A 423 7.22 -37.32 31.01
N ILE A 424 7.66 -38.54 30.76
CA ILE A 424 8.15 -38.90 29.44
C ILE A 424 7.07 -38.84 28.37
N ALA A 425 5.82 -38.95 28.80
CA ALA A 425 4.68 -38.93 27.88
C ALA A 425 4.64 -37.66 27.04
N ASN A 426 5.07 -36.55 27.62
CA ASN A 426 5.06 -35.27 26.93
C ASN A 426 6.22 -35.17 25.96
N ALA A 427 6.45 -36.26 25.22
CA ALA A 427 7.54 -36.31 24.25
C ALA A 427 7.47 -35.25 23.16
N ASN A 428 6.51 -35.38 22.25
CA ASN A 428 6.37 -34.41 21.15
C ASN A 428 5.15 -33.51 21.38
N LYS A 429 4.96 -33.08 22.62
CA LYS A 429 3.84 -32.22 22.97
C LYS A 429 4.34 -30.90 23.53
N PRO A 430 3.64 -29.81 23.23
CA PRO A 430 4.06 -28.51 23.75
C PRO A 430 3.81 -28.42 25.25
N VAL A 431 4.87 -28.14 26.01
CA VAL A 431 4.76 -28.02 27.47
C VAL A 431 4.99 -26.59 27.94
N LEU A 432 3.94 -25.95 28.43
CA LEU A 432 4.04 -24.59 28.92
C LEU A 432 4.74 -24.62 30.27
N ARG A 433 5.79 -23.82 30.42
CA ARG A 433 6.55 -23.78 31.66
C ARG A 433 6.40 -22.48 32.43
N ASN A 434 6.02 -21.41 31.73
CA ASN A 434 5.89 -20.12 32.40
C ASN A 434 5.12 -19.09 31.59
N ILE A 435 4.44 -18.19 32.27
CA ILE A 435 3.69 -17.13 31.61
C ILE A 435 4.12 -15.81 32.24
N ILE A 436 4.37 -14.81 31.40
CA ILE A 436 4.78 -13.48 31.87
C ILE A 436 3.81 -12.45 31.31
N VAL A 437 3.44 -11.46 32.12
CA VAL A 437 2.52 -10.43 31.68
C VAL A 437 3.06 -9.03 31.98
N SER A 438 2.73 -8.08 31.10
CA SER A 438 3.15 -6.69 31.27
C SER A 438 2.30 -6.07 32.39
N ASN A 439 2.56 -4.81 32.74
CA ASN A 439 1.80 -4.15 33.81
C ASN A 439 1.68 -2.64 33.58
N TRP A 440 1.93 -2.21 32.35
CA TRP A 440 1.89 -0.80 31.98
C TRP A 440 0.66 0.00 32.41
N THR A 441 -0.53 -0.57 32.26
CA THR A 441 -1.73 0.14 32.63
C THR A 441 -1.84 0.37 34.14
N ARG A 442 -1.17 -0.48 34.94
CA ARG A 442 -1.22 -0.36 36.40
C ARG A 442 0.00 0.34 37.01
N ASP A 443 1.02 0.57 36.20
CA ASP A 443 2.23 1.25 36.62
C ASP A 443 1.94 2.76 36.57
N PRO A 444 1.98 3.44 37.72
CA PRO A 444 1.70 4.88 37.78
C PRO A 444 2.67 5.77 37.00
N TYR A 445 3.89 5.29 36.78
CA TYR A 445 4.88 6.09 36.05
C TYR A 445 4.74 5.94 34.54
N SER A 446 3.77 5.14 34.12
CA SER A 446 3.50 4.96 32.69
C SER A 446 2.00 5.08 32.40
N ARG A 447 1.17 4.49 33.26
CA ARG A 447 -0.30 4.56 33.11
C ARG A 447 -0.82 4.28 31.70
N GLY A 448 -0.31 3.22 31.09
CA GLY A 448 -0.74 2.86 29.75
C GLY A 448 0.45 2.53 28.83
N ALA A 449 0.15 2.37 27.54
CA ALA A 449 1.18 2.05 26.57
C ALA A 449 1.86 3.25 25.92
N TYR A 450 1.14 3.90 25.01
CA TYR A 450 1.65 5.07 24.29
C TYR A 450 0.49 5.77 23.60
N SER A 451 0.66 7.05 23.33
CA SER A 451 -0.36 7.87 22.69
C SER A 451 -1.15 7.16 21.58
N ALA A 452 -2.46 7.37 21.59
CA ALA A 452 -3.39 6.78 20.62
C ALA A 452 -4.61 7.72 20.46
N CYS A 453 -5.28 7.62 19.32
CA CYS A 453 -6.43 8.47 19.02
C CYS A 453 -7.83 7.87 19.15
N PHE A 454 -8.68 8.54 19.92
CA PHE A 454 -10.07 8.13 20.07
C PHE A 454 -10.75 8.93 18.96
N PRO A 455 -11.90 8.46 18.45
CA PRO A 455 -12.54 9.23 17.38
C PRO A 455 -12.72 10.69 17.77
N GLY A 456 -12.24 11.59 16.91
CA GLY A 456 -12.35 13.01 17.19
C GLY A 456 -11.05 13.67 17.65
N ASP A 457 -9.99 12.88 17.80
CA ASP A 457 -8.71 13.43 18.24
C ASP A 457 -7.85 13.96 17.12
N ASP A 458 -6.95 14.88 17.48
CA ASP A 458 -6.01 15.45 16.53
C ASP A 458 -4.65 15.46 17.22
N PRO A 459 -3.80 14.47 16.90
CA PRO A 459 -2.46 14.33 17.46
C PRO A 459 -1.51 15.51 17.28
N VAL A 460 -1.62 16.18 16.13
CA VAL A 460 -0.76 17.32 15.82
C VAL A 460 -0.70 18.41 16.90
N ASP A 461 -1.83 18.70 17.54
CA ASP A 461 -1.85 19.75 18.57
C ASP A 461 -0.86 19.56 19.69
N MET A 462 -0.81 18.36 20.24
CA MET A 462 0.11 18.06 21.32
C MET A 462 1.55 18.26 20.85
N VAL A 463 1.87 17.68 19.69
CA VAL A 463 3.23 17.79 19.14
C VAL A 463 3.65 19.25 19.10
N VAL A 464 2.82 20.08 18.49
CA VAL A 464 3.11 21.51 18.38
C VAL A 464 3.33 22.15 19.76
N ALA A 465 2.34 22.02 20.64
CA ALA A 465 2.44 22.58 21.99
C ALA A 465 3.66 22.06 22.75
N MET A 466 3.91 20.76 22.68
CA MET A 466 5.04 20.15 23.36
C MET A 466 6.39 20.61 22.81
N SER A 467 6.55 20.52 21.49
CA SER A 467 7.80 20.92 20.85
C SER A 467 8.10 22.40 21.02
N ASN A 468 7.06 23.19 21.30
CA ASN A 468 7.24 24.63 21.48
C ASN A 468 7.71 24.89 22.91
N GLY A 469 7.42 23.94 23.80
CA GLY A 469 7.82 24.07 25.20
C GLY A 469 6.96 25.04 26.01
N GLN A 470 7.06 24.91 27.33
CA GLN A 470 6.32 25.78 28.26
C GLN A 470 6.89 27.19 28.11
N ASP A 471 8.21 27.27 28.01
CA ASP A 471 8.93 28.52 27.81
C ASP A 471 10.39 28.23 27.46
N SER A 472 11.19 29.29 27.39
CA SER A 472 12.60 29.13 27.02
C SER A 472 13.41 28.14 27.81
N ARG A 473 13.04 27.92 29.07
CA ARG A 473 13.79 27.02 29.94
C ARG A 473 13.12 25.67 30.19
N ILE A 474 11.81 25.60 30.01
CA ILE A 474 11.08 24.35 30.24
C ILE A 474 10.67 23.70 28.91
N ARG A 475 11.43 22.68 28.52
CA ARG A 475 11.19 21.96 27.27
C ARG A 475 10.56 20.58 27.50
N PHE A 476 10.07 19.98 26.43
CA PHE A 476 9.47 18.66 26.52
C PHE A 476 10.03 17.72 25.46
N ALA A 477 10.20 16.46 25.83
CA ALA A 477 10.69 15.44 24.91
C ALA A 477 9.87 14.19 25.18
N GLY A 478 10.02 13.19 24.33
CA GLY A 478 9.26 11.97 24.51
C GLY A 478 8.47 11.60 23.26
N GLU A 479 7.98 10.36 23.21
CA GLU A 479 7.23 9.89 22.06
C GLU A 479 5.96 10.66 21.74
N HIS A 480 5.56 11.56 22.63
CA HIS A 480 4.34 12.35 22.43
C HIS A 480 4.68 13.80 22.09
N THR A 481 5.95 14.06 21.81
CA THR A 481 6.40 15.42 21.52
C THR A 481 6.98 15.59 20.11
N ILE A 482 6.72 14.64 19.22
CA ILE A 482 7.28 14.72 17.88
C ILE A 482 6.36 14.12 16.80
N MET A 483 6.50 14.60 15.57
CA MET A 483 5.72 14.16 14.41
C MET A 483 6.23 12.86 13.81
N ASP A 484 7.51 12.85 13.44
CA ASP A 484 8.13 11.65 12.86
C ASP A 484 8.44 10.64 13.94
N GLY A 485 7.88 9.44 13.84
CA GLY A 485 8.12 8.41 14.83
C GLY A 485 7.26 8.59 16.07
N ALA A 486 6.23 9.42 15.96
CA ALA A 486 5.30 9.68 17.05
C ALA A 486 4.90 8.37 17.71
N GLY A 487 4.91 8.35 19.03
CA GLY A 487 4.54 7.15 19.75
C GLY A 487 5.55 6.02 19.62
N CYS A 488 6.63 6.25 18.86
CA CYS A 488 7.65 5.21 18.66
C CYS A 488 8.94 5.46 19.46
N ALA A 489 9.70 4.40 19.68
CA ALA A 489 10.96 4.50 20.42
C ALA A 489 11.89 5.49 19.73
N TYR A 490 12.02 5.38 18.41
CA TYR A 490 12.92 6.29 17.71
C TYR A 490 12.40 7.72 17.77
N GLY A 491 11.09 7.86 17.90
CA GLY A 491 10.50 9.19 17.98
C GLY A 491 11.00 9.85 19.25
N ALA A 492 10.84 9.16 20.38
CA ALA A 492 11.28 9.68 21.66
C ALA A 492 12.79 9.95 21.63
N TRP A 493 13.55 8.98 21.14
CA TRP A 493 15.01 9.09 21.02
C TRP A 493 15.37 10.40 20.33
N GLU A 494 14.83 10.61 19.14
CA GLU A 494 15.09 11.82 18.35
C GLU A 494 14.61 13.08 19.06
N SER A 495 13.46 13.01 19.75
CA SER A 495 12.94 14.17 20.47
C SER A 495 13.91 14.51 21.60
N GLY A 496 14.63 13.50 22.07
CA GLY A 496 15.60 13.72 23.13
C GLY A 496 16.81 14.46 22.57
N ARG A 497 17.22 14.10 21.36
CA ARG A 497 18.37 14.74 20.73
C ARG A 497 17.99 16.18 20.39
N ARG A 498 16.74 16.38 20.00
CA ARG A 498 16.22 17.70 19.63
C ARG A 498 16.42 18.72 20.73
N GLU A 499 15.87 18.45 21.91
CA GLU A 499 15.98 19.40 23.02
C GLU A 499 17.41 19.62 23.47
N ALA A 500 18.18 18.54 23.53
CA ALA A 500 19.58 18.59 23.96
C ALA A 500 20.39 19.49 23.04
N THR A 501 20.33 19.20 21.74
CA THR A 501 21.08 19.98 20.76
C THR A 501 20.70 21.46 20.84
N ARG A 502 19.41 21.74 21.00
CA ARG A 502 18.94 23.12 21.10
C ARG A 502 19.59 23.85 22.28
N ILE A 503 19.54 23.21 23.44
CA ILE A 503 20.13 23.80 24.64
C ILE A 503 21.65 23.81 24.49
N SER A 504 22.17 22.77 23.86
CA SER A 504 23.60 22.66 23.65
C SER A 504 24.15 23.85 22.85
N ASP A 505 23.44 24.23 21.78
CA ASP A 505 23.85 25.36 20.95
C ASP A 505 23.75 26.67 21.73
N LEU A 506 22.67 26.83 22.48
CA LEU A 506 22.46 28.05 23.25
C LEU A 506 23.57 28.28 24.27
N LEU A 507 24.00 27.21 24.94
CA LEU A 507 25.05 27.30 25.94
C LEU A 507 26.40 27.66 25.29
N LYS A 508 26.74 26.99 24.20
CA LYS A 508 28.00 27.26 23.51
C LYS A 508 28.06 28.72 23.04
N LEU A 509 26.90 29.25 22.64
CA LEU A 509 26.84 30.62 22.17
C LEU A 509 26.95 31.67 23.28
N GLU A 510 26.53 31.31 24.49
CA GLU A 510 26.58 32.26 25.61
C GLU A 510 27.95 32.91 25.80
N HIS A 511 28.99 32.29 25.25
CA HIS A 511 30.33 32.84 25.36
C HIS A 511 31.42 31.80 25.37
N SER B 5 -23.52 23.53 -49.66
CA SER B 5 -23.39 22.16 -50.22
C SER B 5 -23.04 21.14 -49.13
N PRO B 6 -21.93 21.36 -48.40
CA PRO B 6 -21.54 20.43 -47.33
C PRO B 6 -22.54 20.43 -46.18
N ALA B 7 -23.00 19.25 -45.80
CA ALA B 7 -23.97 19.10 -44.72
C ALA B 7 -23.58 19.83 -43.44
N LYS B 8 -24.55 20.57 -42.89
CA LYS B 8 -24.37 21.33 -41.66
C LYS B 8 -24.73 20.44 -40.47
N LYS B 9 -23.82 20.31 -39.51
CA LYS B 9 -24.08 19.50 -38.34
C LYS B 9 -23.72 20.31 -37.11
N LYS B 10 -24.31 19.99 -35.97
CA LYS B 10 -24.00 20.73 -34.78
C LYS B 10 -22.64 20.31 -34.24
N VAL B 11 -22.45 19.01 -34.05
CA VAL B 11 -21.19 18.50 -33.53
C VAL B 11 -20.70 17.27 -34.30
N ILE B 12 -19.45 17.29 -34.74
CA ILE B 12 -18.86 16.14 -35.43
C ILE B 12 -17.80 15.52 -34.54
N ILE B 13 -17.99 14.25 -34.22
CA ILE B 13 -17.07 13.51 -33.37
C ILE B 13 -16.19 12.60 -34.25
N ILE B 14 -14.88 12.74 -34.16
CA ILE B 14 -13.98 11.92 -34.95
C ILE B 14 -13.48 10.71 -34.13
N GLY B 15 -13.84 9.52 -34.58
CA GLY B 15 -13.42 8.31 -33.89
C GLY B 15 -14.56 7.72 -33.07
N ALA B 16 -14.79 6.42 -33.24
CA ALA B 16 -15.86 5.78 -32.50
C ALA B 16 -15.33 4.86 -31.41
N GLY B 17 -14.23 5.28 -30.78
CA GLY B 17 -13.69 4.53 -29.66
C GLY B 17 -14.60 4.89 -28.49
N ILE B 18 -14.23 4.56 -27.26
CA ILE B 18 -15.13 4.83 -26.15
C ILE B 18 -15.28 6.33 -25.86
N ALA B 19 -14.21 7.08 -26.07
CA ALA B 19 -14.24 8.51 -25.85
C ALA B 19 -15.29 9.15 -26.76
N GLY B 20 -15.21 8.82 -28.05
CA GLY B 20 -16.13 9.38 -29.03
C GLY B 20 -17.56 8.93 -28.81
N LEU B 21 -17.73 7.67 -28.45
CA LEU B 21 -19.07 7.15 -28.25
C LEU B 21 -19.73 7.82 -27.03
N LYS B 22 -18.98 7.99 -25.96
CA LYS B 22 -19.54 8.63 -24.79
C LYS B 22 -19.86 10.10 -25.09
N ALA B 23 -19.04 10.74 -25.91
CA ALA B 23 -19.29 12.13 -26.29
C ALA B 23 -20.66 12.23 -26.95
N ALA B 24 -20.90 11.36 -27.93
CA ALA B 24 -22.17 11.30 -28.67
C ALA B 24 -23.34 10.98 -27.75
N SER B 25 -23.13 10.00 -26.88
CA SER B 25 -24.15 9.59 -25.94
C SER B 25 -24.58 10.77 -25.05
N THR B 26 -23.60 11.56 -24.60
CA THR B 26 -23.85 12.69 -23.74
C THR B 26 -24.58 13.82 -24.49
N LEU B 27 -24.15 14.11 -25.71
CA LEU B 27 -24.79 15.15 -26.52
C LEU B 27 -26.28 14.84 -26.65
N HIS B 28 -26.59 13.60 -27.03
CA HIS B 28 -27.97 13.17 -27.17
C HIS B 28 -28.70 13.31 -25.86
N GLN B 29 -28.05 12.85 -24.79
CA GLN B 29 -28.59 12.90 -23.45
C GLN B 29 -29.01 14.34 -23.11
N ASN B 30 -28.23 15.31 -23.56
CA ASN B 30 -28.51 16.72 -23.30
C ASN B 30 -29.40 17.35 -24.39
N GLY B 31 -30.02 16.51 -25.21
CA GLY B 31 -30.91 17.03 -26.24
C GLY B 31 -30.33 17.71 -27.47
N ILE B 32 -29.04 17.49 -27.75
CA ILE B 32 -28.42 18.08 -28.92
C ILE B 32 -28.71 17.18 -30.11
N GLN B 33 -29.07 17.77 -31.25
CA GLN B 33 -29.38 16.99 -32.43
C GLN B 33 -28.44 17.26 -33.60
N ASP B 34 -28.66 16.52 -34.67
CA ASP B 34 -27.88 16.71 -35.89
C ASP B 34 -26.36 16.63 -35.69
N CYS B 35 -25.91 15.55 -35.05
CA CYS B 35 -24.50 15.35 -34.81
C CYS B 35 -23.98 14.19 -35.66
N LEU B 36 -22.69 13.90 -35.55
CA LEU B 36 -22.12 12.82 -36.35
C LEU B 36 -20.88 12.22 -35.73
N VAL B 37 -20.71 10.91 -35.92
CA VAL B 37 -19.54 10.21 -35.41
C VAL B 37 -18.88 9.55 -36.61
N LEU B 38 -17.69 10.00 -36.96
CA LEU B 38 -16.98 9.46 -38.11
C LEU B 38 -15.84 8.56 -37.65
N GLU B 39 -15.89 7.30 -38.07
CA GLU B 39 -14.88 6.30 -37.69
C GLU B 39 -14.21 5.66 -38.91
N ALA B 40 -12.88 5.69 -38.92
CA ALA B 40 -12.10 5.13 -40.02
C ALA B 40 -12.28 3.62 -40.21
N ARG B 41 -12.23 2.87 -39.12
CA ARG B 41 -12.40 1.42 -39.16
C ARG B 41 -13.84 1.04 -39.52
N ASP B 42 -14.09 -0.24 -39.77
CA ASP B 42 -15.43 -0.70 -40.11
C ASP B 42 -16.17 -1.20 -38.88
N ARG B 43 -15.74 -0.77 -37.70
CA ARG B 43 -16.33 -1.16 -36.42
C ARG B 43 -16.12 -0.06 -35.40
N VAL B 44 -16.91 -0.07 -34.34
CA VAL B 44 -16.77 0.90 -33.28
C VAL B 44 -15.97 0.24 -32.17
N GLY B 45 -15.57 1.01 -31.17
CA GLY B 45 -14.84 0.42 -30.06
C GLY B 45 -13.36 0.77 -29.96
N GLY B 46 -12.72 0.93 -31.10
CA GLY B 46 -11.32 1.26 -31.10
C GLY B 46 -10.47 0.26 -30.34
N ARG B 47 -9.73 0.75 -29.35
CA ARG B 47 -8.87 -0.12 -28.56
C ARG B 47 -9.65 -1.00 -27.61
N LEU B 48 -10.95 -1.07 -27.85
CA LEU B 48 -11.81 -1.96 -27.08
C LEU B 48 -12.29 -2.89 -28.19
N GLN B 49 -11.76 -4.10 -28.20
CA GLN B 49 -12.12 -5.07 -29.22
C GLN B 49 -12.14 -6.49 -28.67
N THR B 50 -13.25 -7.17 -28.90
CA THR B 50 -13.42 -8.56 -28.47
C THR B 50 -13.37 -9.47 -29.71
N VAL B 51 -12.43 -10.40 -29.72
CA VAL B 51 -12.30 -11.30 -30.85
C VAL B 51 -12.79 -12.69 -30.51
N THR B 52 -12.98 -13.50 -31.55
CA THR B 52 -13.44 -14.87 -31.36
C THR B 52 -12.32 -15.83 -31.75
N GLY B 53 -12.19 -16.91 -30.99
CA GLY B 53 -11.16 -17.89 -31.27
C GLY B 53 -11.70 -19.31 -31.32
N TYR B 54 -10.89 -20.25 -30.84
CA TYR B 54 -11.23 -21.66 -30.83
C TYR B 54 -12.61 -21.97 -30.24
N GLN B 55 -13.46 -22.62 -31.02
CA GLN B 55 -14.81 -23.00 -30.57
C GLN B 55 -15.71 -21.83 -30.16
N GLY B 56 -15.48 -20.65 -30.72
CA GLY B 56 -16.32 -19.52 -30.38
C GLY B 56 -15.97 -18.83 -29.07
N ARG B 57 -14.82 -19.17 -28.49
CA ARG B 57 -14.41 -18.54 -27.24
C ARG B 57 -14.12 -17.07 -27.53
N LYS B 58 -14.49 -16.20 -26.59
CA LYS B 58 -14.29 -14.75 -26.76
C LYS B 58 -13.19 -14.20 -25.85
N TYR B 59 -12.44 -13.22 -26.34
CA TYR B 59 -11.37 -12.59 -25.55
C TYR B 59 -11.24 -11.13 -25.93
N ASP B 60 -11.00 -10.27 -24.95
CA ASP B 60 -10.79 -8.86 -25.24
C ASP B 60 -9.31 -8.78 -25.61
N ILE B 61 -9.02 -8.37 -26.85
CA ILE B 61 -7.64 -8.29 -27.31
C ILE B 61 -7.06 -6.90 -27.01
N GLY B 62 -7.93 -5.99 -26.62
CA GLY B 62 -7.54 -4.65 -26.23
C GLY B 62 -7.77 -4.65 -24.72
N ALA B 63 -8.43 -3.62 -24.19
CA ALA B 63 -8.73 -3.53 -22.75
C ALA B 63 -9.49 -4.74 -22.21
N SER B 64 -9.16 -5.14 -20.99
CA SER B 64 -9.81 -6.29 -20.35
C SER B 64 -10.43 -6.02 -18.98
N TRP B 65 -9.80 -5.17 -18.19
CA TRP B 65 -10.26 -4.89 -16.83
C TRP B 65 -10.82 -3.50 -16.58
N HIS B 66 -11.64 -3.42 -15.54
CA HIS B 66 -12.19 -2.16 -15.05
C HIS B 66 -11.22 -1.91 -13.91
N HIS B 67 -10.43 -0.84 -13.98
CA HIS B 67 -9.48 -0.52 -12.91
C HIS B 67 -10.10 0.48 -11.93
N ASP B 68 -9.49 0.59 -10.77
CA ASP B 68 -9.92 1.52 -9.72
C ASP B 68 -11.43 1.45 -9.50
N THR B 69 -11.94 0.26 -9.19
CA THR B 69 -13.39 0.08 -9.00
C THR B 69 -14.06 0.83 -7.87
N LEU B 70 -13.29 1.42 -6.97
CA LEU B 70 -13.87 2.17 -5.87
C LEU B 70 -14.42 3.51 -6.37
N THR B 71 -13.80 4.06 -7.42
CA THR B 71 -14.21 5.34 -7.95
C THR B 71 -14.46 5.41 -9.45
N ASN B 72 -14.09 4.35 -10.16
CA ASN B 72 -14.28 4.27 -11.61
C ASN B 72 -15.76 4.48 -11.98
N PRO B 73 -16.10 5.66 -12.55
CA PRO B 73 -17.49 5.98 -12.94
C PRO B 73 -18.15 5.08 -13.99
N LEU B 74 -17.35 4.53 -14.88
CA LEU B 74 -17.85 3.64 -15.91
C LEU B 74 -18.24 2.32 -15.25
N PHE B 75 -17.37 1.82 -14.39
CA PHE B 75 -17.63 0.57 -13.68
C PHE B 75 -18.85 0.69 -12.78
N LEU B 76 -18.98 1.82 -12.09
CA LEU B 76 -20.13 2.03 -11.21
C LEU B 76 -21.42 1.90 -12.01
N GLU B 77 -21.43 2.43 -13.24
CA GLU B 77 -22.61 2.34 -14.10
C GLU B 77 -22.91 0.88 -14.43
N GLU B 78 -21.89 0.17 -14.88
CA GLU B 78 -22.04 -1.24 -15.24
C GLU B 78 -22.56 -2.04 -14.04
N ALA B 79 -22.06 -1.70 -12.86
CA ALA B 79 -22.45 -2.38 -11.64
C ALA B 79 -23.93 -2.12 -11.28
N GLN B 80 -24.39 -0.89 -11.52
CA GLN B 80 -25.77 -0.53 -11.24
C GLN B 80 -26.70 -1.36 -12.14
N LEU B 81 -26.30 -1.54 -13.39
CA LEU B 81 -27.08 -2.32 -14.34
C LEU B 81 -27.19 -3.77 -13.90
N SER B 82 -26.07 -4.36 -13.44
CA SER B 82 -26.09 -5.75 -13.01
C SER B 82 -26.89 -5.89 -11.71
N LEU B 83 -26.87 -4.86 -10.88
CA LEU B 83 -27.61 -4.91 -9.63
C LEU B 83 -29.10 -4.93 -9.91
N ASN B 84 -29.52 -4.35 -11.04
CA ASN B 84 -30.94 -4.32 -11.38
C ASN B 84 -31.42 -5.44 -12.29
N ASP B 85 -30.53 -6.06 -13.05
CA ASP B 85 -30.97 -7.12 -13.96
C ASP B 85 -30.38 -8.49 -13.69
N GLY B 86 -29.45 -8.57 -12.75
CA GLY B 86 -28.86 -9.86 -12.43
C GLY B 86 -27.92 -10.44 -13.47
N ARG B 87 -27.78 -9.78 -14.61
CA ARG B 87 -26.87 -10.27 -15.64
C ARG B 87 -25.43 -10.02 -15.20
N THR B 88 -24.56 -10.98 -15.48
CA THR B 88 -23.15 -10.89 -15.12
C THR B 88 -22.39 -10.09 -16.18
N ARG B 89 -21.80 -8.97 -15.79
CA ARG B 89 -21.06 -8.14 -16.74
C ARG B 89 -19.55 -8.14 -16.48
N PHE B 90 -19.13 -8.60 -15.31
CA PHE B 90 -17.72 -8.63 -14.95
C PHE B 90 -17.46 -9.59 -13.80
N VAL B 91 -16.19 -9.76 -13.45
CA VAL B 91 -15.83 -10.64 -12.36
C VAL B 91 -14.53 -10.18 -11.72
N PHE B 92 -14.56 -9.98 -10.40
CA PHE B 92 -13.37 -9.56 -9.68
C PHE B 92 -12.40 -10.73 -9.68
N ASP B 93 -11.36 -10.64 -10.51
CA ASP B 93 -10.41 -11.73 -10.63
C ASP B 93 -9.03 -11.51 -10.02
N ASP B 94 -8.90 -10.59 -9.05
CA ASP B 94 -7.61 -10.39 -8.41
C ASP B 94 -7.30 -11.70 -7.66
N ASP B 95 -6.02 -11.98 -7.45
CA ASP B 95 -5.64 -13.24 -6.81
C ASP B 95 -4.21 -13.14 -6.29
N ASN B 96 -3.76 -14.15 -5.56
CA ASN B 96 -2.38 -14.15 -5.07
C ASN B 96 -1.55 -14.61 -6.27
N PHE B 97 -0.55 -13.82 -6.65
CA PHE B 97 0.28 -14.17 -7.79
C PHE B 97 1.19 -15.37 -7.58
N ILE B 98 1.39 -16.14 -8.65
CA ILE B 98 2.28 -17.28 -8.62
C ILE B 98 3.50 -16.82 -9.40
N TYR B 99 4.66 -16.83 -8.76
CA TYR B 99 5.89 -16.39 -9.42
C TYR B 99 6.78 -17.58 -9.76
N ILE B 100 7.17 -17.70 -11.02
CA ILE B 100 7.99 -18.83 -11.45
C ILE B 100 9.33 -18.49 -12.08
N ASP B 101 10.39 -19.08 -11.55
CA ASP B 101 11.74 -18.90 -12.06
C ASP B 101 12.00 -20.16 -12.87
N GLU B 102 12.81 -20.09 -13.92
CA GLU B 102 13.05 -21.26 -14.75
C GLU B 102 13.81 -22.39 -14.05
N GLU B 103 14.87 -22.04 -13.33
CA GLU B 103 15.68 -23.04 -12.63
C GLU B 103 15.11 -23.40 -11.27
N ARG B 104 14.59 -22.39 -10.56
CA ARG B 104 14.07 -22.61 -9.21
C ARG B 104 12.59 -22.99 -9.04
N GLY B 105 11.76 -22.75 -10.05
CA GLY B 105 10.36 -23.07 -9.89
C GLY B 105 9.64 -21.95 -9.14
N ARG B 106 8.54 -22.28 -8.45
CA ARG B 106 7.79 -21.25 -7.73
C ARG B 106 8.59 -20.56 -6.63
N VAL B 107 8.51 -19.24 -6.59
CA VAL B 107 9.20 -18.44 -5.59
C VAL B 107 8.24 -17.50 -4.87
N ASP B 108 6.94 -17.73 -5.02
CA ASP B 108 5.92 -16.89 -4.38
C ASP B 108 5.57 -17.36 -2.98
N HIS B 109 5.19 -16.42 -2.13
CA HIS B 109 4.78 -16.74 -0.77
C HIS B 109 5.76 -17.75 -0.19
N ASP B 110 7.06 -17.54 -0.42
CA ASP B 110 8.09 -18.44 0.07
C ASP B 110 8.59 -18.00 1.46
N LYS B 111 8.49 -18.91 2.42
CA LYS B 111 8.86 -18.63 3.81
C LYS B 111 10.29 -18.15 4.06
N GLU B 112 11.18 -18.28 3.08
CA GLU B 112 12.55 -17.82 3.26
C GLU B 112 12.89 -16.66 2.34
N LEU B 113 12.35 -16.67 1.13
CA LEU B 113 12.64 -15.59 0.19
C LEU B 113 11.84 -14.33 0.53
N LEU B 114 10.60 -14.51 0.99
CA LEU B 114 9.73 -13.40 1.36
C LEU B 114 9.81 -12.27 0.35
N LEU B 115 9.83 -12.62 -0.93
CA LEU B 115 9.94 -11.64 -1.99
C LEU B 115 8.86 -10.56 -1.94
N GLU B 116 7.61 -10.98 -1.77
CA GLU B 116 6.47 -10.05 -1.73
C GLU B 116 6.66 -8.94 -0.71
N ILE B 117 7.24 -9.29 0.43
CA ILE B 117 7.47 -8.33 1.50
C ILE B 117 8.51 -7.29 1.15
N VAL B 118 9.65 -7.72 0.57
CA VAL B 118 10.66 -6.74 0.21
C VAL B 118 10.18 -5.94 -0.98
N ASP B 119 9.28 -6.53 -1.77
CA ASP B 119 8.74 -5.80 -2.92
C ASP B 119 7.95 -4.60 -2.37
N ASN B 120 7.22 -4.80 -1.29
CA ASN B 120 6.45 -3.72 -0.67
C ASN B 120 7.41 -2.62 -0.18
N GLU B 121 8.54 -3.03 0.36
CA GLU B 121 9.53 -2.07 0.85
C GLU B 121 10.11 -1.27 -0.32
N MET B 122 10.39 -1.98 -1.41
CA MET B 122 10.93 -1.38 -2.64
C MET B 122 10.01 -0.24 -3.05
N SER B 123 8.71 -0.53 -3.16
CA SER B 123 7.74 0.49 -3.57
C SER B 123 7.68 1.66 -2.59
N LYS B 124 7.82 1.37 -1.30
CA LYS B 124 7.78 2.45 -0.33
C LYS B 124 9.05 3.25 -0.52
N PHE B 125 10.13 2.55 -0.87
CA PHE B 125 11.41 3.20 -1.14
C PHE B 125 11.21 4.21 -2.28
N ALA B 126 10.59 3.74 -3.36
CA ALA B 126 10.31 4.57 -4.52
C ALA B 126 9.46 5.77 -4.13
N GLU B 127 8.44 5.51 -3.31
CA GLU B 127 7.52 6.53 -2.84
C GLU B 127 8.28 7.63 -2.12
N LEU B 128 9.17 7.25 -1.20
CA LEU B 128 9.92 8.25 -0.46
C LEU B 128 10.96 8.94 -1.36
N GLU B 129 11.41 8.24 -2.39
CA GLU B 129 12.39 8.80 -3.31
C GLU B 129 11.83 10.03 -4.02
N PHE B 130 10.60 9.91 -4.53
CA PHE B 130 9.93 11.00 -5.22
C PHE B 130 8.74 11.37 -4.35
N HIS B 131 7.69 11.87 -4.97
CA HIS B 131 6.46 12.23 -4.26
C HIS B 131 6.64 13.31 -3.20
N GLN B 132 5.91 14.41 -3.37
CA GLN B 132 6.03 15.51 -2.43
C GLN B 132 7.41 16.13 -2.50
N HIS B 133 8.17 15.76 -3.52
CA HIS B 133 9.51 16.29 -3.71
C HIS B 133 9.62 17.19 -4.93
N LEU B 134 10.37 18.27 -4.79
CA LEU B 134 10.57 19.21 -5.87
C LEU B 134 12.02 19.20 -6.33
N GLY B 135 12.24 19.23 -7.63
CA GLY B 135 13.59 19.23 -8.16
C GLY B 135 14.30 17.89 -8.09
N VAL B 136 13.53 16.82 -7.99
CA VAL B 136 14.14 15.50 -7.95
C VAL B 136 14.23 14.96 -9.37
N SER B 137 15.45 14.65 -9.79
CA SER B 137 15.67 14.12 -11.13
C SER B 137 15.07 12.73 -11.25
N ASP B 138 14.44 12.47 -12.39
CA ASP B 138 13.86 11.16 -12.63
C ASP B 138 14.96 10.23 -13.15
N CYS B 139 14.64 8.96 -13.33
CA CYS B 139 15.59 7.98 -13.85
C CYS B 139 14.77 6.83 -14.38
N SER B 140 15.39 5.72 -14.76
CA SER B 140 14.64 4.59 -15.27
C SER B 140 14.21 3.75 -14.09
N PHE B 141 13.11 3.02 -14.24
CA PHE B 141 12.64 2.17 -13.15
C PHE B 141 13.77 1.22 -12.78
N PHE B 142 14.51 0.78 -13.80
CA PHE B 142 15.61 -0.14 -13.59
C PHE B 142 16.63 0.43 -12.62
N GLN B 143 17.11 1.63 -12.93
CA GLN B 143 18.10 2.30 -12.08
C GLN B 143 17.60 2.43 -10.65
N LEU B 144 16.33 2.79 -10.50
CA LEU B 144 15.72 2.95 -9.17
C LEU B 144 15.86 1.67 -8.37
N VAL B 145 15.60 0.53 -9.01
CA VAL B 145 15.71 -0.76 -8.35
C VAL B 145 17.17 -1.05 -7.99
N MET B 146 18.10 -0.63 -8.84
CA MET B 146 19.51 -0.85 -8.57
C MET B 146 19.93 -0.05 -7.34
N LYS B 147 19.36 1.14 -7.20
CA LYS B 147 19.68 2.00 -6.07
C LYS B 147 19.16 1.40 -4.76
N TYR B 148 17.94 0.86 -4.81
CA TYR B 148 17.35 0.23 -3.64
C TYR B 148 18.25 -0.91 -3.16
N LEU B 149 18.62 -1.78 -4.09
CA LEU B 149 19.46 -2.94 -3.77
C LEU B 149 20.79 -2.57 -3.14
N LEU B 150 21.48 -1.58 -3.70
CA LEU B 150 22.76 -1.16 -3.17
C LEU B 150 22.61 -0.54 -1.79
N GLN B 151 21.50 0.16 -1.59
CA GLN B 151 21.27 0.84 -0.33
C GLN B 151 20.77 -0.05 0.81
N ARG B 152 20.13 -1.17 0.49
CA ARG B 152 19.61 -2.04 1.54
C ARG B 152 20.30 -3.39 1.59
N ARG B 153 21.35 -3.56 0.78
CA ARG B 153 22.11 -4.81 0.72
C ARG B 153 22.36 -5.42 2.11
N GLN B 154 22.64 -4.57 3.11
CA GLN B 154 22.90 -5.05 4.47
C GLN B 154 21.69 -5.76 5.08
N PHE B 155 20.52 -5.55 4.50
CA PHE B 155 19.31 -6.15 5.04
C PHE B 155 18.60 -7.06 4.05
N LEU B 156 19.31 -7.47 3.01
CA LEU B 156 18.76 -8.36 2.01
C LEU B 156 19.64 -9.60 1.90
N THR B 157 19.04 -10.76 1.70
CA THR B 157 19.81 -11.99 1.56
C THR B 157 20.27 -12.09 0.11
N ASN B 158 21.23 -12.99 -0.15
CA ASN B 158 21.73 -13.16 -1.50
C ASN B 158 20.59 -13.44 -2.48
N ASP B 159 19.76 -14.44 -2.16
CA ASP B 159 18.65 -14.80 -3.02
C ASP B 159 17.64 -13.67 -3.19
N GLN B 160 17.50 -12.83 -2.16
CA GLN B 160 16.56 -11.72 -2.26
C GLN B 160 17.13 -10.74 -3.28
N ILE B 161 18.43 -10.46 -3.18
CA ILE B 161 19.06 -9.52 -4.11
C ILE B 161 19.04 -10.02 -5.54
N ARG B 162 18.97 -11.34 -5.72
CA ARG B 162 18.94 -11.91 -7.05
C ARG B 162 17.54 -11.92 -7.67
N TYR B 163 16.57 -12.44 -6.93
CA TYR B 163 15.20 -12.55 -7.44
C TYR B 163 14.27 -11.34 -7.31
N LEU B 164 14.44 -10.54 -6.26
CA LEU B 164 13.55 -9.39 -6.08
C LEU B 164 13.49 -8.50 -7.31
N PRO B 165 14.65 -8.09 -7.85
CA PRO B 165 14.64 -7.23 -9.02
C PRO B 165 13.84 -7.79 -10.20
N GLN B 166 13.84 -9.12 -10.37
CA GLN B 166 13.11 -9.74 -11.46
C GLN B 166 11.60 -9.79 -11.19
N LEU B 167 11.22 -9.93 -9.93
CA LEU B 167 9.81 -9.96 -9.57
C LEU B 167 9.24 -8.54 -9.67
N CYS B 168 10.00 -7.54 -9.22
CA CYS B 168 9.58 -6.14 -9.28
C CYS B 168 9.09 -5.75 -10.66
N ARG B 169 9.63 -6.43 -11.68
CA ARG B 169 9.31 -6.12 -13.05
C ARG B 169 7.90 -6.44 -13.55
N TYR B 170 7.06 -7.03 -12.70
CA TYR B 170 5.70 -7.30 -13.15
C TYR B 170 5.09 -5.97 -13.56
N LEU B 171 5.62 -4.88 -12.99
CA LEU B 171 5.14 -3.54 -13.31
C LEU B 171 5.31 -3.16 -14.78
N GLU B 172 6.22 -3.83 -15.49
CA GLU B 172 6.43 -3.52 -16.91
C GLU B 172 5.14 -3.77 -17.66
N LEU B 173 4.42 -4.81 -17.23
CA LEU B 173 3.17 -5.16 -17.88
C LEU B 173 2.00 -4.24 -17.55
N TRP B 174 2.22 -3.23 -16.72
CA TRP B 174 1.15 -2.30 -16.44
C TRP B 174 1.37 -1.08 -17.31
N HIS B 175 2.61 -0.90 -17.75
CA HIS B 175 3.00 0.23 -18.59
C HIS B 175 3.23 -0.14 -20.06
N GLY B 176 3.64 -1.38 -20.28
CA GLY B 176 3.91 -1.85 -21.63
C GLY B 176 5.29 -1.42 -22.08
N LEU B 177 6.18 -1.23 -21.11
CA LEU B 177 7.56 -0.80 -21.33
C LEU B 177 8.57 -1.57 -20.48
N ASP B 178 9.74 -1.83 -21.06
CA ASP B 178 10.82 -2.53 -20.36
C ASP B 178 11.35 -1.61 -19.26
N TRP B 179 11.79 -2.19 -18.15
CA TRP B 179 12.26 -1.40 -17.02
C TRP B 179 13.38 -0.39 -17.27
N LYS B 180 14.12 -0.55 -18.36
CA LYS B 180 15.19 0.40 -18.65
C LYS B 180 14.68 1.60 -19.46
N LEU B 181 13.49 1.45 -20.04
CA LEU B 181 12.88 2.52 -20.84
C LEU B 181 11.81 3.26 -20.02
N LEU B 182 11.41 2.67 -18.90
CA LEU B 182 10.37 3.24 -18.05
C LEU B 182 10.76 4.31 -17.02
N SER B 183 10.02 5.41 -17.03
CA SER B 183 10.24 6.50 -16.10
C SER B 183 9.92 6.02 -14.68
N ALA B 184 10.90 6.09 -13.78
CA ALA B 184 10.66 5.66 -12.41
C ALA B 184 9.62 6.55 -11.73
N LYS B 185 9.62 7.84 -12.02
CA LYS B 185 8.65 8.74 -11.41
C LYS B 185 7.23 8.26 -11.66
N ASP B 186 7.02 7.59 -12.79
CA ASP B 186 5.70 7.11 -13.14
C ASP B 186 5.49 5.63 -12.93
N THR B 187 6.52 4.91 -12.52
CA THR B 187 6.37 3.47 -12.34
C THR B 187 5.28 3.15 -11.35
N TYR B 188 5.49 3.55 -10.10
CA TYR B 188 4.50 3.28 -9.08
C TYR B 188 3.37 4.29 -9.13
N PHE B 189 2.22 3.87 -8.63
CA PHE B 189 1.05 4.73 -8.58
C PHE B 189 -0.10 4.04 -7.87
N GLY B 190 -1.08 4.82 -7.45
CA GLY B 190 -2.20 4.27 -6.72
C GLY B 190 -3.31 3.63 -7.52
N HIS B 191 -3.80 2.51 -6.98
CA HIS B 191 -4.91 1.76 -7.57
C HIS B 191 -6.05 1.94 -6.59
N GLN B 192 -7.14 2.55 -7.05
CA GLN B 192 -8.28 2.80 -6.19
C GLN B 192 -9.17 1.58 -6.05
N GLY B 193 -8.66 0.55 -5.39
CA GLY B 193 -9.45 -0.66 -5.21
C GLY B 193 -9.15 -1.78 -6.19
N ARG B 194 -9.90 -2.87 -6.07
CA ARG B 194 -9.71 -4.02 -6.92
C ARG B 194 -10.03 -3.81 -8.39
N ASN B 195 -9.62 -4.77 -9.21
CA ASN B 195 -9.86 -4.74 -10.64
C ASN B 195 -11.01 -5.70 -10.94
N ALA B 196 -11.80 -5.36 -11.95
CA ALA B 196 -12.93 -6.20 -12.38
C ALA B 196 -12.72 -6.53 -13.85
N PHE B 197 -12.59 -7.82 -14.13
CA PHE B 197 -12.37 -8.33 -15.48
C PHE B 197 -13.67 -8.24 -16.26
N ALA B 198 -13.68 -7.46 -17.34
CA ALA B 198 -14.89 -7.31 -18.17
C ALA B 198 -15.22 -8.60 -18.87
N LEU B 199 -16.48 -9.01 -18.81
CA LEU B 199 -16.91 -10.23 -19.45
C LEU B 199 -17.60 -9.80 -20.71
N ASN B 200 -16.80 -9.08 -21.50
CA ASN B 200 -17.22 -8.54 -22.76
C ASN B 200 -17.10 -7.04 -22.68
N TYR B 201 -15.93 -6.48 -22.97
CA TYR B 201 -15.83 -5.03 -22.97
C TYR B 201 -16.71 -4.57 -24.13
N ASP B 202 -16.80 -5.41 -25.16
CA ASP B 202 -17.62 -5.10 -26.34
C ASP B 202 -19.07 -4.90 -25.91
N SER B 203 -19.42 -5.46 -24.76
CA SER B 203 -20.77 -5.34 -24.22
C SER B 203 -20.99 -3.92 -23.70
N VAL B 204 -19.91 -3.30 -23.24
CA VAL B 204 -19.97 -1.95 -22.74
C VAL B 204 -20.02 -1.01 -23.94
N VAL B 205 -19.25 -1.35 -24.97
CA VAL B 205 -19.21 -0.54 -26.20
C VAL B 205 -20.58 -0.47 -26.85
N GLN B 206 -21.27 -1.61 -26.95
CA GLN B 206 -22.58 -1.66 -27.58
C GLN B 206 -23.64 -0.81 -26.89
N ARG B 207 -23.71 -0.89 -25.57
CA ARG B 207 -24.67 -0.11 -24.81
C ARG B 207 -24.49 1.38 -25.07
N ILE B 208 -23.25 1.84 -25.05
CA ILE B 208 -23.01 3.26 -25.27
C ILE B 208 -23.34 3.66 -26.71
N ALA B 209 -23.00 2.79 -27.66
CA ALA B 209 -23.26 3.03 -29.07
C ALA B 209 -24.76 3.10 -29.34
N GLN B 210 -25.52 2.28 -28.63
CA GLN B 210 -26.97 2.25 -28.83
C GLN B 210 -27.75 3.34 -28.10
N SER B 211 -27.07 4.14 -27.28
CA SER B 211 -27.74 5.19 -26.52
C SER B 211 -27.88 6.53 -27.25
N PHE B 212 -27.66 6.55 -28.56
CA PHE B 212 -27.81 7.77 -29.36
C PHE B 212 -28.28 7.44 -30.77
N PRO B 213 -28.86 8.43 -31.49
CA PRO B 213 -29.35 8.18 -32.85
C PRO B 213 -28.39 7.35 -33.72
N GLN B 214 -28.87 6.20 -34.16
CA GLN B 214 -28.06 5.30 -34.98
C GLN B 214 -27.71 5.83 -36.35
N ASN B 215 -28.40 6.88 -36.80
CA ASN B 215 -28.08 7.43 -38.12
C ASN B 215 -26.90 8.37 -37.97
N TRP B 216 -26.46 8.60 -36.74
CA TRP B 216 -25.34 9.49 -36.47
C TRP B 216 -24.00 8.83 -36.82
N LEU B 217 -23.96 7.51 -36.69
CA LEU B 217 -22.76 6.73 -36.92
C LEU B 217 -22.40 6.47 -38.38
N LYS B 218 -21.22 6.93 -38.78
CA LYS B 218 -20.74 6.71 -40.13
C LYS B 218 -19.38 6.00 -40.03
N LEU B 219 -19.39 4.68 -40.20
CA LEU B 219 -18.14 3.92 -40.15
C LEU B 219 -17.44 4.01 -41.51
N SER B 220 -16.20 3.52 -41.59
CA SER B 220 -15.43 3.53 -42.82
C SER B 220 -15.19 4.90 -43.47
N CYS B 221 -15.19 5.98 -42.70
CA CYS B 221 -14.88 7.31 -43.24
C CYS B 221 -13.66 7.75 -42.46
N GLU B 222 -12.52 7.79 -43.14
CA GLU B 222 -11.29 8.23 -42.52
C GLU B 222 -11.24 9.73 -42.75
N VAL B 223 -11.06 10.50 -41.69
CA VAL B 223 -11.00 11.95 -41.83
C VAL B 223 -9.59 12.36 -42.20
N LYS B 224 -9.47 13.14 -43.27
CA LYS B 224 -8.18 13.59 -43.79
C LYS B 224 -7.80 15.01 -43.38
N SER B 225 -8.77 15.86 -43.13
CA SER B 225 -8.43 17.23 -42.75
C SER B 225 -9.52 17.95 -41.98
N ILE B 226 -9.10 18.89 -41.15
CA ILE B 226 -10.01 19.68 -40.35
C ILE B 226 -9.57 21.13 -40.52
N THR B 227 -10.53 21.98 -40.90
CA THR B 227 -10.21 23.39 -41.13
C THR B 227 -11.17 24.32 -40.41
N ARG B 228 -10.61 25.29 -39.70
CA ARG B 228 -11.45 26.25 -38.99
C ARG B 228 -11.69 27.43 -39.93
N GLU B 229 -12.96 27.66 -40.25
CA GLU B 229 -13.34 28.76 -41.11
C GLU B 229 -13.37 30.01 -40.24
N PRO B 230 -12.59 31.05 -40.61
CA PRO B 230 -12.60 32.27 -39.79
C PRO B 230 -14.01 32.84 -39.61
N SER B 231 -15.00 32.17 -40.19
CA SER B 231 -16.39 32.59 -40.10
C SER B 231 -17.09 31.86 -38.95
N LYS B 232 -16.31 31.20 -38.10
CA LYS B 232 -16.89 30.48 -36.98
C LYS B 232 -17.44 29.10 -37.29
N ASN B 233 -16.78 28.37 -38.17
CA ASN B 233 -17.23 27.03 -38.53
C ASN B 233 -16.07 26.08 -38.76
N VAL B 234 -16.35 24.78 -38.77
CA VAL B 234 -15.31 23.80 -38.98
C VAL B 234 -15.67 22.86 -40.12
N THR B 235 -14.80 22.77 -41.10
CA THR B 235 -15.04 21.89 -42.24
C THR B 235 -14.25 20.60 -42.03
N VAL B 236 -14.93 19.47 -42.22
CA VAL B 236 -14.31 18.16 -42.04
C VAL B 236 -14.40 17.36 -43.34
N ASN B 237 -13.25 16.92 -43.83
CA ASN B 237 -13.23 16.16 -45.08
C ASN B 237 -12.92 14.68 -44.86
N CYS B 238 -13.79 13.82 -45.38
CA CYS B 238 -13.61 12.37 -45.29
C CYS B 238 -12.75 11.99 -46.51
N GLU B 239 -12.07 10.85 -46.45
CA GLU B 239 -11.23 10.43 -47.56
C GLU B 239 -12.06 10.15 -48.82
N ASP B 240 -13.30 9.71 -48.65
CA ASP B 240 -14.18 9.42 -49.78
C ASP B 240 -14.67 10.69 -50.47
N GLY B 241 -14.20 11.85 -49.99
CA GLY B 241 -14.60 13.10 -50.60
C GLY B 241 -15.77 13.85 -49.99
N THR B 242 -16.58 13.21 -49.14
CA THR B 242 -17.70 13.94 -48.55
C THR B 242 -17.17 15.01 -47.64
N VAL B 243 -17.80 16.18 -47.71
CA VAL B 243 -17.40 17.31 -46.89
C VAL B 243 -18.52 17.66 -45.92
N TYR B 244 -18.13 18.05 -44.71
CA TYR B 244 -19.09 18.43 -43.68
C TYR B 244 -18.67 19.74 -43.04
N ASN B 245 -19.65 20.46 -42.53
CA ASN B 245 -19.38 21.70 -41.84
C ASN B 245 -20.13 21.59 -40.53
N ALA B 246 -19.47 21.92 -39.43
CA ALA B 246 -20.11 21.82 -38.13
C ALA B 246 -19.64 22.92 -37.20
N ASP B 247 -20.45 23.20 -36.19
CA ASP B 247 -20.12 24.25 -35.25
C ASP B 247 -18.97 23.83 -34.34
N TYR B 248 -18.98 22.57 -33.91
CA TYR B 248 -17.92 22.05 -33.07
C TYR B 248 -17.48 20.66 -33.52
N VAL B 249 -16.23 20.31 -33.23
CA VAL B 249 -15.74 18.97 -33.53
C VAL B 249 -14.96 18.47 -32.30
N ILE B 250 -15.13 17.19 -31.98
CA ILE B 250 -14.41 16.59 -30.87
C ILE B 250 -13.53 15.54 -31.52
N ILE B 251 -12.22 15.72 -31.40
CA ILE B 251 -11.25 14.81 -31.99
C ILE B 251 -10.73 13.80 -30.98
N THR B 252 -11.04 12.52 -31.19
CA THR B 252 -10.61 11.49 -30.25
C THR B 252 -9.61 10.47 -30.81
N VAL B 253 -8.93 10.78 -31.91
CA VAL B 253 -7.99 9.80 -32.45
C VAL B 253 -6.86 9.61 -31.45
N PRO B 254 -6.18 8.45 -31.50
CA PRO B 254 -5.07 8.15 -30.57
C PRO B 254 -3.98 9.19 -30.64
N GLN B 255 -3.31 9.41 -29.51
CA GLN B 255 -2.22 10.36 -29.43
C GLN B 255 -1.12 10.08 -30.47
N SER B 256 -0.83 8.79 -30.71
CA SER B 256 0.21 8.44 -31.69
C SER B 256 -0.24 8.82 -33.09
N VAL B 257 -1.55 8.79 -33.32
CA VAL B 257 -2.09 9.15 -34.62
C VAL B 257 -2.15 10.67 -34.79
N LEU B 258 -2.57 11.37 -33.75
CA LEU B 258 -2.66 12.84 -33.80
C LEU B 258 -1.26 13.40 -34.00
N ASN B 259 -0.26 12.68 -33.50
CA ASN B 259 1.14 13.08 -33.61
C ASN B 259 1.60 13.20 -35.06
N LEU B 260 1.01 12.40 -35.93
CA LEU B 260 1.37 12.44 -37.35
C LEU B 260 1.08 13.82 -37.94
N SER B 261 0.11 14.53 -37.37
CA SER B 261 -0.27 15.86 -37.85
C SER B 261 0.86 16.87 -37.84
N VAL B 262 1.81 16.70 -36.94
CA VAL B 262 2.94 17.62 -36.83
C VAL B 262 4.10 17.20 -37.72
N GLN B 263 3.80 16.53 -38.81
CA GLN B 263 4.83 16.08 -39.71
C GLN B 263 4.40 16.20 -41.16
N PRO B 264 5.36 16.41 -42.07
CA PRO B 264 5.08 16.54 -43.50
C PRO B 264 4.80 15.15 -44.09
N GLU B 265 3.87 15.09 -45.03
CA GLU B 265 3.43 13.85 -45.70
C GLU B 265 2.01 13.58 -45.25
N LYS B 266 1.04 13.93 -46.09
CA LYS B 266 -0.36 13.73 -45.75
C LYS B 266 -0.91 12.37 -46.19
N ASN B 267 -0.09 11.55 -46.83
CA ASN B 267 -0.56 10.24 -47.28
C ASN B 267 -0.29 9.11 -46.28
N LEU B 268 -0.42 9.40 -44.99
CA LEU B 268 -0.22 8.40 -43.95
C LEU B 268 -1.58 8.03 -43.36
N ARG B 269 -1.84 6.73 -43.21
CA ARG B 269 -3.12 6.27 -42.68
C ARG B 269 -3.45 6.92 -41.34
N GLY B 270 -4.62 7.56 -41.26
CA GLY B 270 -5.07 8.17 -40.03
C GLY B 270 -4.74 9.64 -39.80
N ARG B 271 -3.67 10.12 -40.44
CA ARG B 271 -3.26 11.51 -40.27
C ARG B 271 -4.29 12.55 -40.68
N ILE B 272 -4.41 13.58 -39.85
CA ILE B 272 -5.35 14.66 -40.12
C ILE B 272 -4.55 15.95 -40.40
N GLU B 273 -4.84 16.60 -41.51
CA GLU B 273 -4.19 17.86 -41.87
C GLU B 273 -5.00 18.97 -41.19
N PHE B 274 -4.34 19.70 -40.28
CA PHE B 274 -4.99 20.79 -39.55
C PHE B 274 -4.69 22.16 -40.13
N GLN B 275 -5.73 22.97 -40.28
CA GLN B 275 -5.57 24.33 -40.77
C GLN B 275 -6.50 25.26 -39.98
N PRO B 276 -5.92 26.20 -39.23
CA PRO B 276 -4.47 26.38 -39.12
C PRO B 276 -3.85 25.18 -38.41
N PRO B 277 -2.52 24.98 -38.57
CA PRO B 277 -1.89 23.84 -37.92
C PRO B 277 -2.07 23.82 -36.40
N LEU B 278 -1.83 22.67 -35.78
CA LEU B 278 -1.96 22.56 -34.33
C LEU B 278 -1.05 23.56 -33.65
N LYS B 279 -1.59 24.28 -32.68
CA LYS B 279 -0.84 25.29 -31.95
C LYS B 279 0.45 24.69 -31.38
N PRO B 280 1.51 25.52 -31.27
CA PRO B 280 2.80 25.06 -30.75
C PRO B 280 2.73 24.40 -29.38
N VAL B 281 1.75 24.79 -28.58
CA VAL B 281 1.59 24.21 -27.25
C VAL B 281 1.38 22.70 -27.39
N ILE B 282 0.48 22.33 -28.30
CA ILE B 282 0.14 20.95 -28.57
C ILE B 282 1.29 20.18 -29.22
N GLN B 283 1.81 20.72 -30.31
CA GLN B 283 2.94 20.11 -31.03
C GLN B 283 4.08 19.71 -30.11
N ASP B 284 4.50 20.65 -29.26
CA ASP B 284 5.62 20.42 -28.37
C ASP B 284 5.36 19.44 -27.24
N ALA B 285 4.08 19.25 -26.90
CA ALA B 285 3.74 18.31 -25.83
C ALA B 285 4.08 16.88 -26.29
N PHE B 286 4.15 16.68 -27.60
CA PHE B 286 4.46 15.37 -28.15
C PHE B 286 5.89 14.95 -27.79
N ASP B 287 6.69 15.92 -27.38
CA ASP B 287 8.08 15.65 -26.99
C ASP B 287 8.16 15.18 -25.55
N LYS B 288 7.20 15.58 -24.72
CA LYS B 288 7.19 15.23 -23.31
C LYS B 288 6.27 14.08 -22.87
N ILE B 289 5.79 13.29 -23.83
CA ILE B 289 4.93 12.16 -23.52
C ILE B 289 5.11 11.14 -24.64
N HIS B 290 5.07 9.86 -24.29
CA HIS B 290 5.25 8.82 -25.31
C HIS B 290 4.14 7.80 -25.38
N PHE B 291 4.38 6.72 -26.12
CA PHE B 291 3.40 5.67 -26.31
C PHE B 291 3.99 4.30 -26.01
N GLY B 292 3.36 3.56 -25.10
CA GLY B 292 3.84 2.24 -24.75
C GLY B 292 3.28 1.18 -25.67
N ALA B 293 3.73 -0.05 -25.49
CA ALA B 293 3.25 -1.13 -26.33
C ALA B 293 2.85 -2.37 -25.57
N LEU B 294 1.81 -2.28 -24.75
CA LEU B 294 1.35 -3.46 -24.04
C LEU B 294 0.77 -4.34 -25.11
N GLY B 295 1.09 -5.63 -25.08
CA GLY B 295 0.59 -6.55 -26.08
C GLY B 295 -0.04 -7.78 -25.44
N LYS B 296 -0.78 -8.55 -26.24
CA LYS B 296 -1.45 -9.75 -25.77
C LYS B 296 -1.27 -10.95 -26.69
N VAL B 297 -1.34 -12.14 -26.08
CA VAL B 297 -1.24 -13.42 -26.78
C VAL B 297 -2.15 -14.37 -26.02
N ILE B 298 -3.14 -14.93 -26.71
CA ILE B 298 -4.08 -15.85 -26.08
C ILE B 298 -3.70 -17.27 -26.47
N PHE B 299 -3.50 -18.13 -25.47
CA PHE B 299 -3.16 -19.54 -25.73
C PHE B 299 -4.41 -20.33 -25.36
N GLU B 300 -5.06 -20.91 -26.36
CA GLU B 300 -6.27 -21.67 -26.11
C GLU B 300 -5.98 -23.17 -26.10
N PHE B 301 -6.39 -23.84 -25.03
CA PHE B 301 -6.17 -25.29 -24.90
C PHE B 301 -7.48 -26.06 -25.02
N GLU B 302 -7.37 -27.35 -25.31
CA GLU B 302 -8.55 -28.18 -25.45
C GLU B 302 -9.38 -28.12 -24.17
N GLU B 303 -8.75 -28.43 -23.05
CA GLU B 303 -9.42 -28.41 -21.75
C GLU B 303 -8.40 -28.22 -20.65
N CYS B 304 -8.87 -27.85 -19.47
CA CYS B 304 -7.96 -27.67 -18.33
C CYS B 304 -7.51 -28.99 -17.72
N CYS B 305 -6.21 -29.13 -17.52
CA CYS B 305 -5.65 -30.32 -16.90
C CYS B 305 -4.47 -29.86 -16.04
N TRP B 306 -4.64 -28.67 -15.45
CA TRP B 306 -3.64 -28.06 -14.58
C TRP B 306 -4.30 -27.48 -13.34
N SER B 307 -3.49 -27.14 -12.34
CA SER B 307 -4.02 -26.59 -11.09
C SER B 307 -4.63 -25.21 -11.25
N ASN B 308 -5.78 -24.98 -10.62
CA ASN B 308 -6.44 -23.69 -10.67
C ASN B 308 -6.32 -22.96 -9.34
N GLU B 309 -5.14 -23.07 -8.73
CA GLU B 309 -4.86 -22.41 -7.47
C GLU B 309 -5.02 -20.90 -7.64
N SER B 310 -4.56 -20.36 -8.77
CA SER B 310 -4.65 -18.93 -9.00
C SER B 310 -4.90 -18.54 -10.47
N SER B 311 -5.45 -17.34 -10.67
CA SER B 311 -5.73 -16.86 -12.01
C SER B 311 -4.64 -15.91 -12.48
N LYS B 312 -3.63 -15.67 -11.63
CA LYS B 312 -2.55 -14.75 -11.98
C LYS B 312 -1.19 -15.42 -11.86
N ILE B 313 -0.50 -15.52 -12.98
CA ILE B 313 0.81 -16.16 -13.02
C ILE B 313 1.85 -15.29 -13.72
N VAL B 314 3.02 -15.19 -13.10
CA VAL B 314 4.11 -14.42 -13.68
C VAL B 314 5.42 -15.20 -13.68
N THR B 315 6.05 -15.26 -14.84
CA THR B 315 7.32 -15.94 -15.01
C THR B 315 8.39 -14.87 -15.00
N LEU B 316 9.38 -15.02 -14.14
CA LEU B 316 10.47 -14.04 -14.03
C LEU B 316 11.54 -14.30 -15.08
N ALA B 317 12.22 -13.23 -15.49
CA ALA B 317 13.30 -13.35 -16.46
C ALA B 317 14.49 -13.98 -15.73
N ASN B 318 15.34 -14.70 -16.45
CA ASN B 318 16.51 -15.33 -15.84
C ASN B 318 17.38 -14.34 -15.05
N SER B 319 17.94 -14.81 -13.94
CA SER B 319 18.82 -13.98 -13.11
C SER B 319 20.09 -14.77 -12.79
N THR B 320 21.14 -14.07 -12.37
CA THR B 320 22.40 -14.75 -12.08
C THR B 320 22.94 -14.42 -10.70
N ASN B 321 23.74 -15.33 -10.17
CA ASN B 321 24.36 -15.12 -8.87
C ASN B 321 25.48 -14.10 -9.01
N GLU B 322 26.06 -14.01 -10.21
CA GLU B 322 27.14 -13.05 -10.47
C GLU B 322 26.62 -11.64 -10.26
N PHE B 323 25.33 -11.45 -10.50
CA PHE B 323 24.70 -10.16 -10.29
C PHE B 323 24.86 -9.85 -8.80
N VAL B 324 24.48 -10.82 -7.99
CA VAL B 324 24.58 -10.69 -6.54
C VAL B 324 25.96 -10.25 -6.06
N GLU B 325 26.99 -10.98 -6.51
CA GLU B 325 28.38 -10.66 -6.13
C GLU B 325 28.67 -9.21 -6.43
N ILE B 326 28.23 -8.75 -7.59
CA ILE B 326 28.46 -7.37 -8.01
C ILE B 326 27.77 -6.36 -7.11
N VAL B 327 26.56 -6.66 -6.68
CA VAL B 327 25.83 -5.77 -5.78
C VAL B 327 26.54 -5.75 -4.43
N ARG B 328 27.11 -6.90 -4.07
CA ARG B 328 27.85 -7.04 -2.82
C ARG B 328 29.19 -6.31 -2.88
N ASN B 329 29.87 -6.39 -4.03
CA ASN B 329 31.18 -5.75 -4.18
C ASN B 329 31.17 -4.29 -4.61
N ALA B 330 30.03 -3.79 -5.07
CA ALA B 330 29.96 -2.41 -5.51
C ALA B 330 30.35 -1.44 -4.40
N GLU B 331 31.04 -0.35 -4.78
CA GLU B 331 31.46 0.65 -3.82
C GLU B 331 30.46 1.80 -3.76
N ASN B 332 29.74 2.01 -4.85
CA ASN B 332 28.74 3.07 -4.91
C ASN B 332 27.89 2.90 -6.16
N LEU B 333 27.00 3.86 -6.40
CA LEU B 333 26.11 3.80 -7.56
C LEU B 333 26.90 3.71 -8.86
N ASP B 334 27.87 4.63 -9.03
CA ASP B 334 28.70 4.65 -10.23
C ASP B 334 29.42 3.32 -10.38
N GLU B 335 30.09 2.91 -9.31
CA GLU B 335 30.82 1.65 -9.29
C GLU B 335 29.90 0.55 -9.86
N LEU B 336 28.70 0.47 -9.30
CA LEU B 336 27.71 -0.53 -9.71
C LEU B 336 27.28 -0.36 -11.16
N ASP B 337 27.03 0.87 -11.57
CA ASP B 337 26.60 1.15 -12.94
C ASP B 337 27.69 0.70 -13.91
N SER B 338 28.95 0.84 -13.49
CA SER B 338 30.06 0.42 -14.32
C SER B 338 30.11 -1.10 -14.43
N MET B 339 30.50 -1.76 -13.34
CA MET B 339 30.62 -3.22 -13.30
C MET B 339 29.52 -3.93 -14.09
N LEU B 340 28.31 -3.38 -14.04
CA LEU B 340 27.19 -3.96 -14.76
C LEU B 340 27.39 -3.67 -16.24
N GLU B 341 28.28 -4.44 -16.85
CA GLU B 341 28.61 -4.34 -18.26
C GLU B 341 29.04 -5.73 -18.69
N ARG B 342 28.34 -6.29 -19.66
CA ARG B 342 28.64 -7.63 -20.13
C ARG B 342 28.76 -7.72 -21.66
N GLU B 343 29.59 -8.63 -22.14
CA GLU B 343 29.79 -8.82 -23.56
C GLU B 343 28.62 -9.61 -24.14
N THR B 349 22.57 -14.62 -26.72
CA THR B 349 22.72 -13.19 -26.94
C THR B 349 21.45 -12.60 -27.54
N SER B 350 20.53 -13.48 -27.96
CA SER B 350 19.28 -13.03 -28.54
C SER B 350 18.15 -13.20 -27.55
N VAL B 351 17.04 -12.49 -27.77
CA VAL B 351 15.88 -12.55 -26.89
C VAL B 351 15.12 -13.88 -26.96
N THR B 352 14.75 -14.41 -25.80
CA THR B 352 13.98 -15.64 -25.69
C THR B 352 12.85 -15.33 -24.71
N CYS B 353 12.04 -16.33 -24.39
CA CYS B 353 10.93 -16.11 -23.47
C CYS B 353 11.32 -15.93 -22.00
N TRP B 354 12.60 -16.05 -21.69
CA TRP B 354 13.10 -15.88 -20.32
C TRP B 354 13.87 -14.58 -20.20
N SER B 355 13.86 -13.79 -21.27
CA SER B 355 14.59 -12.53 -21.29
C SER B 355 13.80 -11.37 -20.67
N GLN B 356 12.54 -11.60 -20.35
CA GLN B 356 11.71 -10.56 -19.75
C GLN B 356 10.55 -11.21 -19.01
N PRO B 357 9.96 -10.49 -18.04
CA PRO B 357 8.83 -11.06 -17.32
C PRO B 357 7.59 -11.18 -18.20
N LEU B 358 6.83 -12.24 -17.99
CA LEU B 358 5.61 -12.45 -18.75
C LEU B 358 4.46 -12.69 -17.77
N PHE B 359 3.35 -11.97 -17.99
CA PHE B 359 2.18 -12.08 -17.13
C PHE B 359 1.08 -12.92 -17.78
N PHE B 360 0.68 -14.00 -17.11
CA PHE B 360 -0.35 -14.89 -17.64
C PHE B 360 -1.62 -14.89 -16.79
N VAL B 361 -2.76 -14.80 -17.44
CA VAL B 361 -4.02 -14.85 -16.72
C VAL B 361 -4.58 -16.25 -16.93
N ASN B 362 -4.68 -17.03 -15.86
CA ASN B 362 -5.23 -18.37 -15.94
C ASN B 362 -6.77 -18.23 -15.97
N LEU B 363 -7.32 -18.06 -17.16
CA LEU B 363 -8.78 -17.88 -17.33
C LEU B 363 -9.64 -19.04 -16.83
N SER B 364 -9.05 -20.22 -16.75
CA SER B 364 -9.81 -21.39 -16.32
C SER B 364 -10.39 -21.19 -14.93
N LYS B 365 -9.67 -20.51 -14.05
CA LYS B 365 -10.18 -20.30 -12.70
C LYS B 365 -11.20 -19.17 -12.66
N SER B 366 -10.87 -18.04 -13.27
CA SER B 366 -11.74 -16.87 -13.24
C SER B 366 -12.94 -16.89 -14.18
N THR B 367 -12.84 -17.59 -15.31
CA THR B 367 -13.94 -17.62 -16.25
C THR B 367 -14.40 -19.02 -16.64
N GLY B 368 -13.61 -20.03 -16.30
CA GLY B 368 -14.00 -21.38 -16.64
C GLY B 368 -13.62 -21.74 -18.06
N VAL B 369 -12.87 -20.87 -18.72
CA VAL B 369 -12.45 -21.13 -20.09
C VAL B 369 -11.01 -21.63 -20.03
N ALA B 370 -10.71 -22.71 -20.75
CA ALA B 370 -9.37 -23.30 -20.73
C ALA B 370 -8.34 -22.59 -21.59
N SER B 371 -7.99 -21.36 -21.22
CA SER B 371 -7.02 -20.60 -22.00
C SER B 371 -6.17 -19.67 -21.14
N PHE B 372 -5.05 -19.23 -21.70
CA PHE B 372 -4.17 -18.32 -21.00
C PHE B 372 -4.15 -17.00 -21.76
N MET B 373 -4.31 -15.89 -21.03
CA MET B 373 -4.25 -14.57 -21.62
C MET B 373 -2.94 -14.02 -21.08
N MET B 374 -1.95 -13.85 -21.95
CA MET B 374 -0.65 -13.37 -21.54
C MET B 374 -0.39 -11.94 -22.01
N LEU B 375 0.20 -11.13 -21.13
CA LEU B 375 0.53 -9.75 -21.48
C LEU B 375 2.04 -9.64 -21.69
N MET B 376 2.44 -8.85 -22.68
CA MET B 376 3.86 -8.65 -22.98
C MET B 376 4.14 -7.17 -23.13
N GLN B 377 5.41 -6.79 -23.00
CA GLN B 377 5.79 -5.39 -23.07
C GLN B 377 6.81 -5.10 -24.18
N ALA B 378 7.03 -3.81 -24.44
CA ALA B 378 8.00 -3.38 -25.44
C ALA B 378 9.35 -3.60 -24.77
N PRO B 379 10.38 -4.01 -25.53
CA PRO B 379 10.41 -4.29 -26.97
C PRO B 379 9.87 -5.64 -27.44
N LEU B 380 9.58 -6.55 -26.54
CA LEU B 380 9.07 -7.84 -26.98
C LEU B 380 7.77 -7.74 -27.82
N THR B 381 6.84 -6.91 -27.37
CA THR B 381 5.57 -6.75 -28.07
C THR B 381 5.73 -6.51 -29.57
N ASN B 382 6.58 -5.57 -29.90
CA ASN B 382 6.79 -5.23 -31.30
C ASN B 382 7.34 -6.38 -32.10
N HIS B 383 8.27 -7.13 -31.52
CA HIS B 383 8.84 -8.27 -32.20
C HIS B 383 7.82 -9.40 -32.34
N ILE B 384 7.01 -9.61 -31.30
CA ILE B 384 6.01 -10.66 -31.36
C ILE B 384 4.87 -10.33 -32.33
N GLU B 385 4.44 -9.08 -32.37
CA GLU B 385 3.36 -8.74 -33.29
C GLU B 385 3.88 -8.81 -34.72
N SER B 386 5.19 -8.61 -34.88
CA SER B 386 5.80 -8.65 -36.21
C SER B 386 5.93 -10.08 -36.77
N ILE B 387 5.58 -11.09 -35.98
CA ILE B 387 5.64 -12.47 -36.45
C ILE B 387 4.35 -13.18 -36.07
N ARG B 388 3.32 -12.42 -35.74
CA ARG B 388 2.08 -13.03 -35.30
C ARG B 388 1.43 -13.99 -36.27
N GLU B 389 1.82 -13.96 -37.55
CA GLU B 389 1.21 -14.87 -38.51
C GLU B 389 1.88 -16.23 -38.59
N ASP B 390 3.05 -16.36 -37.96
CA ASP B 390 3.79 -17.60 -37.95
C ASP B 390 3.48 -18.32 -36.63
N LYS B 391 2.37 -19.03 -36.59
CA LYS B 391 1.96 -19.74 -35.36
C LYS B 391 2.98 -20.76 -34.85
N GLU B 392 3.59 -21.50 -35.76
CA GLU B 392 4.58 -22.50 -35.34
C GLU B 392 5.77 -21.81 -34.66
N ARG B 393 6.18 -20.67 -35.21
CA ARG B 393 7.28 -19.93 -34.62
C ARG B 393 6.88 -19.36 -33.26
N LEU B 394 5.63 -18.90 -33.13
CA LEU B 394 5.18 -18.36 -31.85
C LEU B 394 5.22 -19.45 -30.79
N PHE B 395 4.75 -20.64 -31.16
CA PHE B 395 4.72 -21.77 -30.22
C PHE B 395 6.11 -22.19 -29.78
N SER B 396 7.07 -22.18 -30.71
CA SER B 396 8.42 -22.57 -30.36
C SER B 396 8.99 -21.56 -29.36
N PHE B 397 8.72 -20.29 -29.62
CA PHE B 397 9.22 -19.23 -28.76
C PHE B 397 8.72 -19.30 -27.31
N PHE B 398 7.43 -19.62 -27.13
CA PHE B 398 6.83 -19.67 -25.80
C PHE B 398 6.78 -21.04 -25.13
N GLN B 399 7.07 -22.09 -25.88
CA GLN B 399 7.03 -23.45 -25.36
C GLN B 399 7.70 -23.67 -24.00
N PRO B 400 8.91 -23.14 -23.81
CA PRO B 400 9.56 -23.35 -22.52
C PRO B 400 8.90 -22.69 -21.31
N VAL B 401 8.32 -21.49 -21.47
CA VAL B 401 7.65 -20.88 -20.32
C VAL B 401 6.31 -21.57 -20.10
N LEU B 402 5.70 -22.03 -21.20
CA LEU B 402 4.43 -22.73 -21.10
C LEU B 402 4.65 -24.07 -20.37
N ASN B 403 5.72 -24.78 -20.73
CA ASN B 403 6.02 -26.05 -20.09
C ASN B 403 6.31 -25.85 -18.62
N LYS B 404 7.20 -24.91 -18.32
CA LYS B 404 7.56 -24.63 -16.94
C LYS B 404 6.33 -24.34 -16.10
N ILE B 405 5.39 -23.59 -16.67
CA ILE B 405 4.15 -23.26 -15.97
C ILE B 405 3.33 -24.53 -15.73
N MET B 406 3.17 -25.34 -16.76
CA MET B 406 2.39 -26.56 -16.62
C MET B 406 3.01 -27.43 -15.54
N LYS B 407 4.34 -27.46 -15.50
CA LYS B 407 5.03 -28.24 -14.49
C LYS B 407 4.63 -27.75 -13.12
N CYS B 408 4.79 -26.45 -12.88
CA CYS B 408 4.44 -25.88 -11.58
C CYS B 408 2.97 -26.02 -11.20
N LEU B 409 2.10 -26.18 -12.19
CA LEU B 409 0.67 -26.35 -11.89
C LEU B 409 0.29 -27.83 -11.97
N ASP B 410 1.24 -28.69 -11.57
CA ASP B 410 1.07 -30.14 -11.55
C ASP B 410 0.53 -30.74 -12.84
N SER B 411 1.19 -30.44 -13.96
CA SER B 411 0.79 -30.96 -15.26
C SER B 411 2.04 -31.37 -16.04
N GLU B 412 1.94 -31.41 -17.37
CA GLU B 412 3.08 -31.82 -18.19
C GLU B 412 3.29 -30.92 -19.41
N ASP B 413 4.36 -31.19 -20.15
CA ASP B 413 4.69 -30.41 -21.34
C ASP B 413 3.51 -30.30 -22.30
N VAL B 414 3.37 -29.14 -22.92
CA VAL B 414 2.29 -28.89 -23.84
C VAL B 414 2.46 -29.65 -25.15
N ILE B 415 1.34 -30.06 -25.73
CA ILE B 415 1.31 -30.78 -27.00
C ILE B 415 0.75 -29.85 -28.08
N ASP B 416 1.46 -29.73 -29.19
CA ASP B 416 1.00 -28.87 -30.28
C ASP B 416 -0.18 -29.49 -30.99
N GLY B 417 -1.38 -28.95 -30.76
CA GLY B 417 -2.57 -29.47 -31.39
C GLY B 417 -3.25 -28.41 -32.26
N MET B 418 -2.46 -27.45 -32.75
CA MET B 418 -3.01 -26.37 -33.57
C MET B 418 -3.44 -26.86 -34.96
N ARG B 419 -3.01 -28.06 -35.34
CA ARG B 419 -3.34 -28.64 -36.63
C ARG B 419 -3.90 -30.04 -36.45
N ALA B 427 -3.99 -38.16 -22.45
CA ALA B 427 -5.30 -37.94 -21.86
C ALA B 427 -5.30 -36.80 -20.86
N ASN B 428 -4.21 -36.69 -20.11
CA ASN B 428 -4.09 -35.63 -19.11
C ASN B 428 -3.00 -34.65 -19.48
N LYS B 429 -2.73 -34.53 -20.76
CA LYS B 429 -1.72 -33.62 -21.27
C LYS B 429 -2.37 -32.37 -21.87
N PRO B 430 -1.79 -31.19 -21.60
CA PRO B 430 -2.33 -29.94 -22.15
C PRO B 430 -2.12 -29.84 -23.65
N VAL B 431 -3.20 -29.71 -24.39
CA VAL B 431 -3.11 -29.60 -25.85
C VAL B 431 -3.43 -28.18 -26.32
N LEU B 432 -2.47 -27.55 -26.99
CA LEU B 432 -2.66 -26.20 -27.50
C LEU B 432 -3.45 -26.27 -28.80
N ARG B 433 -4.61 -25.64 -28.83
CA ARG B 433 -5.46 -25.64 -30.00
C ARG B 433 -5.33 -24.41 -30.89
N ASN B 434 -5.08 -23.25 -30.29
CA ASN B 434 -5.00 -22.02 -31.07
C ASN B 434 -4.17 -20.96 -30.35
N ILE B 435 -3.61 -20.04 -31.11
CA ILE B 435 -2.86 -18.94 -30.55
C ILE B 435 -3.36 -17.66 -31.22
N ILE B 436 -3.68 -16.65 -30.42
CA ILE B 436 -4.18 -15.38 -30.91
C ILE B 436 -3.23 -14.30 -30.46
N VAL B 437 -2.95 -13.34 -31.34
CA VAL B 437 -2.03 -12.27 -31.01
C VAL B 437 -2.64 -10.91 -31.31
N SER B 438 -2.21 -9.91 -30.54
CA SER B 438 -2.67 -8.54 -30.74
C SER B 438 -2.01 -7.97 -31.99
N ASN B 439 -2.45 -6.78 -32.39
CA ASN B 439 -1.91 -6.15 -33.60
C ASN B 439 -1.82 -4.63 -33.45
N TRP B 440 -1.90 -4.14 -32.23
CA TRP B 440 -1.88 -2.70 -31.99
C TRP B 440 -0.67 -1.88 -32.46
N THR B 441 0.52 -2.46 -32.48
CA THR B 441 1.68 -1.70 -32.94
C THR B 441 1.71 -1.60 -34.47
N ARG B 442 0.91 -2.44 -35.14
CA ARG B 442 0.88 -2.43 -36.61
C ARG B 442 -0.35 -1.77 -37.23
N ASP B 443 -1.46 -1.77 -36.50
CA ASP B 443 -2.70 -1.16 -36.94
C ASP B 443 -2.44 0.35 -37.09
N PRO B 444 -2.52 0.89 -38.31
CA PRO B 444 -2.27 2.32 -38.47
C PRO B 444 -3.23 3.23 -37.70
N TYR B 445 -4.37 2.72 -37.26
CA TYR B 445 -5.31 3.57 -36.52
C TYR B 445 -5.10 3.46 -35.03
N SER B 446 -4.02 2.77 -34.66
CA SER B 446 -3.67 2.56 -33.26
C SER B 446 -2.22 2.97 -32.99
N ARG B 447 -1.30 2.37 -33.75
CA ARG B 447 0.13 2.67 -33.63
C ARG B 447 0.66 2.60 -32.20
N GLY B 448 0.32 1.51 -31.52
CA GLY B 448 0.75 1.35 -30.15
C GLY B 448 -0.43 1.01 -29.24
N ALA B 449 -0.16 0.91 -27.94
CA ALA B 449 -1.19 0.58 -26.97
C ALA B 449 -1.84 1.82 -26.33
N TYR B 450 -1.04 2.61 -25.63
CA TYR B 450 -1.54 3.81 -24.98
C TYR B 450 -0.40 4.66 -24.45
N SER B 451 -0.75 5.88 -24.03
CA SER B 451 0.23 6.84 -23.51
C SER B 451 1.08 6.26 -22.39
N ALA B 452 2.39 6.49 -22.45
CA ALA B 452 3.32 6.00 -21.45
C ALA B 452 4.46 7.00 -21.25
N CYS B 453 5.13 6.89 -20.10
CA CYS B 453 6.22 7.80 -19.78
C CYS B 453 7.65 7.23 -19.81
N PHE B 454 8.51 7.94 -20.55
CA PHE B 454 9.93 7.59 -20.65
C PHE B 454 10.57 8.48 -19.59
N PRO B 455 11.73 8.08 -19.04
CA PRO B 455 12.32 8.96 -18.03
C PRO B 455 12.47 10.39 -18.54
N GLY B 456 11.95 11.34 -17.77
CA GLY B 456 12.01 12.74 -18.15
C GLY B 456 10.69 13.28 -18.66
N ASP B 457 9.76 12.38 -18.96
CA ASP B 457 8.45 12.80 -19.47
C ASP B 457 7.61 13.56 -18.44
N ASP B 458 6.67 14.35 -18.96
CA ASP B 458 5.77 15.13 -18.12
C ASP B 458 4.42 15.03 -18.80
N PRO B 459 3.61 14.03 -18.44
CA PRO B 459 2.28 13.82 -19.02
C PRO B 459 1.31 14.98 -18.81
N VAL B 460 1.49 15.73 -17.72
CA VAL B 460 0.63 16.88 -17.46
C VAL B 460 0.62 17.81 -18.68
N ASP B 461 1.75 17.90 -19.38
CA ASP B 461 1.85 18.76 -20.56
C ASP B 461 0.79 18.45 -21.62
N MET B 462 0.75 17.21 -22.09
CA MET B 462 -0.22 16.81 -23.11
C MET B 462 -1.65 16.97 -22.61
N VAL B 463 -1.90 16.55 -21.38
CA VAL B 463 -3.24 16.64 -20.83
C VAL B 463 -3.74 18.08 -20.86
N VAL B 464 -2.91 19.00 -20.38
CA VAL B 464 -3.27 20.41 -20.33
C VAL B 464 -3.55 20.98 -21.72
N ALA B 465 -2.64 20.72 -22.66
CA ALA B 465 -2.79 21.21 -24.03
C ALA B 465 -4.05 20.63 -24.68
N MET B 466 -4.29 19.34 -24.47
CA MET B 466 -5.45 18.67 -25.04
C MET B 466 -6.76 19.16 -24.43
N SER B 467 -6.84 19.16 -23.11
CA SER B 467 -8.05 19.59 -22.45
C SER B 467 -8.39 21.05 -22.71
N ASN B 468 -7.41 21.84 -23.14
CA ASN B 468 -7.65 23.25 -23.45
C ASN B 468 -8.17 23.39 -24.86
N GLY B 469 -7.76 22.46 -25.73
CA GLY B 469 -8.21 22.46 -27.12
C GLY B 469 -7.38 23.22 -28.13
N GLN B 470 -7.71 23.05 -29.42
CA GLN B 470 -7.02 23.76 -30.50
C GLN B 470 -7.55 25.20 -30.51
N ASP B 471 -8.84 25.34 -30.21
CA ASP B 471 -9.51 26.63 -30.10
C ASP B 471 -10.91 26.35 -29.58
N SER B 472 -11.77 27.36 -29.50
CA SER B 472 -13.10 27.12 -28.96
C SER B 472 -13.93 26.05 -29.67
N ARG B 473 -13.69 25.87 -30.96
CA ARG B 473 -14.45 24.88 -31.73
C ARG B 473 -13.81 23.52 -31.98
N ILE B 474 -12.48 23.45 -31.92
CA ILE B 474 -11.77 22.20 -32.18
C ILE B 474 -11.28 21.61 -30.86
N ARG B 475 -12.02 20.63 -30.35
CA ARG B 475 -11.69 20.00 -29.07
C ARG B 475 -11.07 18.61 -29.16
N PHE B 476 -10.56 18.11 -28.04
CA PHE B 476 -9.96 16.77 -28.01
C PHE B 476 -10.45 15.93 -26.85
N ALA B 477 -10.44 14.62 -27.06
CA ALA B 477 -10.83 13.65 -26.05
C ALA B 477 -10.02 12.38 -26.30
N GLY B 478 -9.98 11.50 -25.32
CA GLY B 478 -9.21 10.29 -25.48
C GLY B 478 -8.46 10.03 -24.19
N GLU B 479 -7.88 8.83 -24.07
CA GLU B 479 -7.16 8.43 -22.87
C GLU B 479 -5.95 9.29 -22.56
N HIS B 480 -5.48 10.03 -23.56
CA HIS B 480 -4.31 10.88 -23.41
C HIS B 480 -4.68 12.33 -23.12
N THR B 481 -5.95 12.63 -22.92
CA THR B 481 -6.36 14.01 -22.69
C THR B 481 -6.90 14.27 -21.29
N ILE B 482 -6.58 13.40 -20.34
CA ILE B 482 -7.10 13.57 -19.00
C ILE B 482 -6.19 12.99 -17.93
N MET B 483 -6.23 13.57 -16.73
CA MET B 483 -5.40 13.12 -15.62
C MET B 483 -5.97 11.89 -14.91
N ASP B 484 -7.17 12.01 -14.35
CA ASP B 484 -7.79 10.90 -13.66
C ASP B 484 -8.09 9.77 -14.64
N GLY B 485 -7.51 8.61 -14.40
CA GLY B 485 -7.73 7.50 -15.29
C GLY B 485 -6.97 7.62 -16.60
N ALA B 486 -5.86 8.34 -16.56
CA ALA B 486 -5.05 8.50 -17.76
C ALA B 486 -4.67 7.13 -18.30
N GLY B 487 -4.76 6.95 -19.60
CA GLY B 487 -4.41 5.67 -20.19
C GLY B 487 -5.46 4.58 -20.01
N CYS B 488 -6.44 4.83 -19.14
CA CYS B 488 -7.48 3.84 -18.87
C CYS B 488 -8.77 4.07 -19.67
N ALA B 489 -9.57 3.02 -19.77
CA ALA B 489 -10.83 3.08 -20.48
C ALA B 489 -11.80 4.11 -19.89
N TYR B 490 -11.85 4.21 -18.56
CA TYR B 490 -12.78 5.16 -17.95
C TYR B 490 -12.27 6.60 -18.06
N GLY B 491 -10.98 6.76 -18.29
CA GLY B 491 -10.45 8.11 -18.45
C GLY B 491 -10.89 8.63 -19.82
N ALA B 492 -10.83 7.75 -20.81
CA ALA B 492 -11.24 8.11 -22.16
C ALA B 492 -12.74 8.42 -22.15
N TRP B 493 -13.49 7.58 -21.47
CA TRP B 493 -14.93 7.71 -21.32
C TRP B 493 -15.25 9.10 -20.72
N GLU B 494 -14.63 9.43 -19.60
CA GLU B 494 -14.87 10.73 -18.95
C GLU B 494 -14.43 11.91 -19.82
N SER B 495 -13.30 11.80 -20.51
CA SER B 495 -12.86 12.89 -21.35
C SER B 495 -13.94 13.15 -22.41
N GLY B 496 -14.61 12.09 -22.83
CA GLY B 496 -15.66 12.23 -23.82
C GLY B 496 -16.85 13.01 -23.24
N ARG B 497 -17.26 12.63 -22.05
CA ARG B 497 -18.38 13.29 -21.39
C ARG B 497 -18.03 14.75 -21.13
N ARG B 498 -16.76 15.02 -20.81
CA ARG B 498 -16.30 16.37 -20.55
C ARG B 498 -16.54 17.31 -21.73
N GLU B 499 -16.05 16.92 -22.91
CA GLU B 499 -16.20 17.77 -24.08
C GLU B 499 -17.65 17.95 -24.51
N ALA B 500 -18.44 16.89 -24.40
CA ALA B 500 -19.85 16.97 -24.79
C ALA B 500 -20.58 17.96 -23.87
N THR B 501 -20.33 17.83 -22.56
CA THR B 501 -20.95 18.69 -21.57
C THR B 501 -20.61 20.15 -21.84
N ARG B 502 -19.34 20.43 -22.08
CA ARG B 502 -18.92 21.80 -22.37
C ARG B 502 -19.72 22.36 -23.55
N ILE B 503 -19.83 21.56 -24.61
CA ILE B 503 -20.56 21.99 -25.80
C ILE B 503 -22.05 22.19 -25.51
N SER B 504 -22.65 21.32 -24.70
CA SER B 504 -24.06 21.46 -24.33
C SER B 504 -24.26 22.78 -23.56
N ASP B 505 -23.31 23.08 -22.67
CA ASP B 505 -23.37 24.30 -21.89
C ASP B 505 -23.42 25.52 -22.79
N LEU B 506 -22.56 25.51 -23.80
CA LEU B 506 -22.47 26.62 -24.74
C LEU B 506 -23.70 26.76 -25.62
N LEU B 507 -24.26 25.63 -26.05
CA LEU B 507 -25.44 25.66 -26.90
C LEU B 507 -26.68 26.01 -26.09
N LYS B 508 -26.54 25.96 -24.77
CA LYS B 508 -27.61 26.27 -23.83
C LYS B 508 -27.99 27.74 -24.03
N LEU B 509 -26.97 28.58 -24.18
CA LEU B 509 -27.13 30.02 -24.36
C LEU B 509 -28.02 30.36 -25.55
N GLU B 510 -28.26 29.38 -26.42
CA GLU B 510 -29.08 29.62 -27.59
C GLU B 510 -30.55 29.83 -27.29
N HIS B 511 -31.00 29.34 -26.13
CA HIS B 511 -32.40 29.47 -25.76
C HIS B 511 -32.74 30.55 -24.74
N HIS B 512 -31.79 31.42 -24.44
CA HIS B 512 -32.04 32.50 -23.48
C HIS B 512 -32.78 33.65 -24.17
N HIS B 513 -33.60 34.38 -23.43
CA HIS B 513 -34.34 35.51 -24.01
C HIS B 513 -33.50 36.78 -24.12
PA FAD C . 9.64 6.35 29.00
O1A FAD C . 8.95 5.79 27.85
O2A FAD C . 8.57 5.68 29.77
O5B FAD C . 9.25 7.36 30.20
C5B FAD C . 9.89 8.60 30.54
C4B FAD C . 10.40 8.43 32.03
O4B FAD C . 9.71 9.35 32.90
C3B FAD C . 10.17 7.02 32.68
O3B FAD C . 11.37 6.33 32.96
C2B FAD C . 9.34 7.35 33.93
O2B FAD C . 9.49 6.47 35.03
C1B FAD C . 9.74 8.78 34.21
N9A FAD C . 8.82 9.53 35.10
C8A FAD C . 7.43 9.55 35.05
N7A FAD C . 6.91 10.34 36.00
C5A FAD C . 7.98 10.85 36.69
C6A FAD C . 8.08 11.73 37.80
N6A FAD C . 7.04 12.27 38.40
N1A FAD C . 9.35 12.04 38.26
C2A FAD C . 10.46 11.49 37.65
N3A FAD C . 10.44 10.64 36.59
C4A FAD C . 9.18 10.35 36.14
N1 FAD C . 7.84 1.65 20.14
C2 FAD C . 8.53 1.20 19.01
O2 FAD C . 9.14 1.96 18.31
N3 FAD C . 8.49 -0.16 18.70
C4 FAD C . 7.81 -1.11 19.46
O4 FAD C . 7.83 -2.33 19.13
C4X FAD C . 7.12 -0.66 20.61
N5 FAD C . 6.44 -1.55 21.42
C5X FAD C . 5.80 -1.13 22.57
C6 FAD C . 5.15 -2.05 23.38
C7 FAD C . 4.50 -1.68 24.57
C7M FAD C . 3.82 -2.75 25.41
C8 FAD C . 4.52 -0.29 24.95
C8M FAD C . 3.86 0.19 26.22
C9 FAD C . 5.16 0.67 24.13
C9A FAD C . 5.82 0.28 22.93
N10 FAD C . 6.50 1.19 22.07
C10 FAD C . 7.16 0.74 20.92
C1' FAD C . 6.56 2.65 22.39
C2' FAD C . 7.91 3.07 22.98
O2' FAD C . 8.26 2.15 23.98
C3' FAD C . 7.79 4.49 23.57
O3' FAD C . 7.43 5.43 22.55
C4' FAD C . 9.05 5.10 24.19
O4' FAD C . 9.74 4.15 25.01
C5' FAD C . 8.68 6.34 25.01
O5' FAD C . 9.91 6.84 25.53
P FAD C . 10.06 8.02 26.56
O1P FAD C . 11.52 8.14 26.71
O2P FAD C . 9.34 9.24 26.10
O3P FAD C . 9.39 7.59 27.97
N1B SPZ D . 2.28 7.76 13.34
C1C SPZ D . 3.12 6.71 12.73
C1A SPZ D . 4.50 7.28 12.41
C1D SPZ D . 3.22 5.53 13.70
C1E SPZ D . 3.91 5.94 15.00
N1F SPZ D . 3.86 4.84 15.97
C1G SPZ D . 2.48 4.66 16.44
C1H SPZ D . 2.37 3.38 17.27
C1I SPZ D . 2.83 2.17 16.44
C1J SPZ D . 2.50 0.86 17.15
N1K SPZ D . 3.15 0.81 18.47
C1L SPZ D . 4.57 0.42 18.31
C1M SPZ D . 4.68 -0.98 17.71
C1N SPZ D . 3.95 -2.02 18.57
C1P SPZ D . 4.24 -3.43 18.08
N1O SPZ D . 2.50 -1.77 18.52
PA FAD E . -9.66 4.46 -29.29
O1A FAD E . -8.76 4.09 -28.20
O2A FAD E . -8.55 3.95 -30.10
O5B FAD E . -9.55 5.38 -30.61
C5B FAD E . -10.43 6.41 -31.02
C4B FAD E . -10.93 6.00 -32.48
O4B FAD E . -10.30 6.84 -33.45
C3B FAD E . -10.61 4.56 -32.98
O3B FAD E . -11.77 3.76 -33.09
C2B FAD E . -9.90 4.76 -34.33
O2B FAD E . -10.08 3.76 -35.34
C1B FAD E . -10.38 6.17 -34.72
N9A FAD E . -9.55 6.94 -35.67
C8A FAD E . -8.18 7.09 -35.65
N7A FAD E . -7.74 7.87 -36.65
C5A FAD E . -8.89 8.24 -37.34
C6A FAD E . -9.09 9.06 -38.47
N6A FAD E . -8.10 9.67 -39.11
N1A FAD E . -10.38 9.23 -38.93
C2A FAD E . -11.44 8.61 -38.28
N3A FAD E . -11.31 7.82 -37.18
C4A FAD E . -10.02 7.66 -36.76
N1 FAD E . -7.57 0.17 -20.29
C2 FAD E . -8.19 -0.20 -19.12
O2 FAD E . -8.85 0.58 -18.48
N3 FAD E . -8.03 -1.54 -18.69
C4 FAD E . -7.29 -2.49 -19.38
O4 FAD E . -7.21 -3.65 -18.94
C4X FAD E . -6.68 -2.10 -20.58
N5 FAD E . -5.94 -3.01 -21.32
C5X FAD E . -5.36 -2.63 -22.54
C6 FAD E . -4.64 -3.57 -23.28
C7 FAD E . -4.07 -3.25 -24.53
C7M FAD E . -3.30 -4.31 -25.31
C8 FAD E . -4.22 -1.92 -25.03
C8M FAD E . -3.66 -1.49 -26.36
C9 FAD E . -4.94 -0.94 -24.27
C9A FAD E . -5.52 -1.28 -23.01
N10 FAD E . -6.25 -0.35 -22.22
C10 FAD E . -6.84 -0.76 -21.01
C1' FAD E . -6.44 1.08 -22.65
C2' FAD E . -7.81 1.41 -23.22
O2' FAD E . -8.10 0.46 -24.21
C3' FAD E . -7.76 2.82 -23.82
O3' FAD E . -7.45 3.80 -22.84
C4' FAD E . -9.06 3.35 -24.44
O4' FAD E . -9.74 2.32 -25.19
C5' FAD E . -8.75 4.55 -25.34
O5' FAD E . -10.00 5.00 -25.86
P FAD E . -10.16 6.18 -26.93
O1P FAD E . -11.61 6.27 -27.13
O2P FAD E . -9.49 7.44 -26.48
O3P FAD E . -9.48 5.75 -28.32
N1B SPZ F . -1.74 -5.98 -16.16
C1C SPZ F . -2.94 -5.19 -16.49
C1A SPZ F . -3.76 -5.00 -15.22
C1D SPZ F . -2.51 -3.84 -17.08
C1E SPZ F . -3.72 -2.99 -17.47
N1F SPZ F . -3.26 -1.68 -17.95
C1G SPZ F . -4.41 -0.85 -18.32
C1H SPZ F . -3.94 0.56 -18.69
C1I SPZ F . -3.32 1.27 -17.48
C1J SPZ F . -2.83 2.67 -17.86
N1K SPZ F . -2.24 3.32 -16.68
C1L SPZ F . -3.28 3.64 -15.70
C1M SPZ F . -2.63 4.28 -14.47
C1N SPZ F . -3.68 4.69 -13.43
C1P SPZ F . -4.50 3.47 -12.96
N1O SPZ F . -4.59 5.69 -14.00
#